data_2MN7
#
_entry.id   2MN7
#
_entity_poly.entity_id   1
_entity_poly.type   'polypeptide(L)'
_entity_poly.pdbx_seq_one_letter_code
;MGGISIWQLLIIAVIVVLLFGTKKLGSIGSDLGASIKGFKKAMSDDEPKQDKTSQDADFTAKTIADKQADTNQEQAKTED
AKRHDKEQVLEHHHHHH
;
_entity_poly.pdbx_strand_id   A
#
# COMPACT_ATOMS: atom_id res chain seq x y z
N MET A 1 8.52 -10.56 -8.70
CA MET A 1 8.78 -11.74 -7.82
C MET A 1 10.19 -12.25 -8.06
N GLY A 2 10.51 -13.39 -7.46
CA GLY A 2 11.83 -13.98 -7.62
C GLY A 2 12.83 -13.41 -6.63
N GLY A 3 12.33 -12.88 -5.52
CA GLY A 3 13.20 -12.30 -4.49
C GLY A 3 12.57 -11.04 -3.92
N ILE A 4 11.50 -10.58 -4.57
CA ILE A 4 10.81 -9.37 -4.14
C ILE A 4 9.54 -9.74 -3.36
N SER A 5 9.50 -9.31 -2.10
CA SER A 5 8.35 -9.59 -1.24
C SER A 5 8.08 -8.41 -0.31
N ILE A 6 8.70 -8.43 0.87
CA ILE A 6 8.52 -7.36 1.86
C ILE A 6 9.82 -6.55 2.02
N TRP A 7 10.95 -7.23 1.92
CA TRP A 7 12.24 -6.57 2.07
C TRP A 7 12.44 -5.53 0.99
N GLN A 8 12.20 -5.91 -0.25
CA GLN A 8 12.36 -4.99 -1.36
C GLN A 8 11.35 -3.88 -1.22
N LEU A 9 10.16 -4.23 -0.78
CA LEU A 9 9.11 -3.26 -0.59
C LEU A 9 9.49 -2.25 0.49
N LEU A 10 10.13 -2.76 1.53
CA LEU A 10 10.51 -1.90 2.65
C LEU A 10 11.52 -0.86 2.21
N ILE A 11 12.58 -1.29 1.55
CA ILE A 11 13.57 -0.35 1.07
C ILE A 11 12.94 0.54 0.01
N ILE A 12 12.21 -0.08 -0.90
CA ILE A 12 11.57 0.65 -1.95
C ILE A 12 10.55 1.64 -1.41
N ALA A 13 9.74 1.19 -0.47
CA ALA A 13 8.72 2.05 0.10
C ALA A 13 9.35 3.20 0.88
N VAL A 14 10.45 2.93 1.56
CA VAL A 14 11.11 3.97 2.34
C VAL A 14 11.71 5.02 1.42
N ILE A 15 12.36 4.58 0.36
CA ILE A 15 12.98 5.47 -0.60
C ILE A 15 11.91 6.24 -1.31
N VAL A 16 10.87 5.53 -1.67
CA VAL A 16 9.80 6.14 -2.39
C VAL A 16 9.14 7.16 -1.53
N VAL A 17 8.95 6.86 -0.28
CA VAL A 17 8.27 7.81 0.51
C VAL A 17 9.06 9.08 0.72
N LEU A 18 10.31 8.97 1.09
CA LEU A 18 11.10 10.19 1.27
C LEU A 18 11.34 10.93 -0.03
N LEU A 19 11.69 10.19 -1.07
CA LEU A 19 11.94 10.77 -2.37
C LEU A 19 10.67 11.37 -2.99
N PHE A 20 9.51 10.73 -2.82
CA PHE A 20 8.27 11.28 -3.40
C PHE A 20 7.92 12.57 -2.68
N GLY A 21 8.10 12.55 -1.39
CA GLY A 21 7.84 13.74 -0.57
C GLY A 21 6.60 13.55 0.25
N THR A 22 6.17 12.31 0.33
CA THR A 22 5.00 11.96 1.12
C THR A 22 3.82 12.80 0.78
N LYS A 23 3.67 13.07 -0.49
CA LYS A 23 2.57 13.88 -0.97
C LYS A 23 1.60 13.03 -1.81
N LYS A 24 2.14 12.16 -2.64
CA LYS A 24 1.31 11.31 -3.49
C LYS A 24 0.54 10.31 -2.67
N LEU A 25 1.24 9.53 -1.88
CA LEU A 25 0.60 8.50 -1.10
C LEU A 25 -0.50 9.11 -0.27
N GLY A 26 -0.24 10.31 0.20
CA GLY A 26 -1.19 10.99 1.02
C GLY A 26 -2.35 11.51 0.19
N SER A 27 -2.09 11.75 -1.09
CA SER A 27 -3.11 12.28 -1.99
C SER A 27 -3.83 11.18 -2.75
N ILE A 28 -3.09 10.16 -3.16
CA ILE A 28 -3.70 9.06 -3.91
C ILE A 28 -4.09 7.94 -2.96
N GLY A 29 -3.25 7.73 -1.96
CA GLY A 29 -3.50 6.67 -0.99
C GLY A 29 -4.80 6.93 -0.25
N SER A 30 -5.21 8.18 -0.22
CA SER A 30 -6.43 8.56 0.49
C SER A 30 -7.65 7.93 -0.15
N ASP A 31 -7.68 7.87 -1.47
CA ASP A 31 -8.80 7.29 -2.18
C ASP A 31 -8.48 5.84 -2.48
N LEU A 32 -7.21 5.60 -2.75
CA LEU A 32 -6.74 4.27 -3.08
C LEU A 32 -6.66 3.38 -1.84
N GLY A 33 -6.05 3.90 -0.78
CA GLY A 33 -5.93 3.14 0.45
C GLY A 33 -7.31 2.84 1.00
N ALA A 34 -8.16 3.86 0.94
CA ALA A 34 -9.52 3.75 1.40
C ALA A 34 -10.31 2.76 0.55
N SER A 35 -10.08 2.76 -0.75
CA SER A 35 -10.82 1.85 -1.63
C SER A 35 -10.52 0.41 -1.28
N ILE A 36 -9.27 0.12 -1.00
CA ILE A 36 -8.86 -1.21 -0.64
C ILE A 36 -9.41 -1.60 0.71
N LYS A 37 -9.40 -0.67 1.65
CA LYS A 37 -9.89 -1.00 2.96
C LYS A 37 -11.35 -1.44 2.82
N GLY A 38 -12.09 -0.72 1.99
CA GLY A 38 -13.48 -1.06 1.74
C GLY A 38 -13.56 -2.39 0.99
N PHE A 39 -12.61 -2.61 0.08
CA PHE A 39 -12.59 -3.84 -0.68
C PHE A 39 -12.20 -5.01 0.19
N LYS A 40 -11.09 -4.87 0.90
CA LYS A 40 -10.64 -5.93 1.79
C LYS A 40 -11.64 -6.14 2.90
N LYS A 41 -12.20 -5.06 3.41
CA LYS A 41 -13.17 -5.19 4.47
C LYS A 41 -14.42 -5.94 4.00
N ALA A 42 -14.82 -5.68 2.77
CA ALA A 42 -16.01 -6.31 2.20
C ALA A 42 -15.81 -7.81 2.02
N MET A 43 -14.61 -8.20 1.61
CA MET A 43 -14.27 -9.60 1.36
C MET A 43 -13.63 -10.24 2.60
N SER A 44 -13.15 -9.41 3.51
CA SER A 44 -12.53 -9.93 4.73
C SER A 44 -13.51 -10.81 5.48
N ASP A 45 -14.76 -10.36 5.53
CA ASP A 45 -15.81 -11.11 6.22
C ASP A 45 -16.25 -12.30 5.37
N ASP A 46 -16.96 -13.23 6.00
CA ASP A 46 -17.45 -14.41 5.29
C ASP A 46 -16.29 -15.20 4.70
N GLU A 47 -15.20 -15.32 5.47
CA GLU A 47 -14.03 -16.05 5.01
C GLU A 47 -13.30 -16.69 6.20
N PRO A 48 -12.64 -17.81 5.99
CA PRO A 48 -11.89 -18.53 7.07
C PRO A 48 -10.66 -17.74 7.52
N MET A 1 13.52 -9.80 -10.06
CA MET A 1 13.13 -8.64 -9.21
C MET A 1 11.62 -8.66 -9.00
N GLY A 2 11.12 -7.65 -8.31
CA GLY A 2 9.70 -7.54 -8.04
C GLY A 2 9.25 -8.59 -7.03
N GLY A 3 10.18 -9.47 -6.66
CA GLY A 3 9.88 -10.54 -5.69
C GLY A 3 11.04 -10.77 -4.74
N ILE A 4 12.01 -9.86 -4.79
CA ILE A 4 13.19 -9.97 -3.93
C ILE A 4 12.79 -10.32 -2.52
N SER A 5 12.47 -9.31 -1.73
CA SER A 5 12.08 -9.53 -0.36
C SER A 5 11.60 -8.23 0.23
N ILE A 6 11.52 -8.21 1.53
CA ILE A 6 11.07 -7.04 2.25
C ILE A 6 12.18 -6.05 2.48
N TRP A 7 13.35 -6.58 2.70
CA TRP A 7 14.48 -5.76 2.97
C TRP A 7 14.74 -4.88 1.74
N GLN A 8 14.58 -5.43 0.55
CA GLN A 8 14.77 -4.65 -0.67
C GLN A 8 13.70 -3.57 -0.71
N LEU A 9 12.50 -3.95 -0.27
CA LEU A 9 11.38 -3.03 -0.23
C LEU A 9 11.67 -1.90 0.72
N LEU A 10 12.31 -2.24 1.81
CA LEU A 10 12.59 -1.25 2.83
C LEU A 10 13.50 -0.16 2.27
N ILE A 11 14.57 -0.54 1.60
CA ILE A 11 15.45 0.45 1.01
C ILE A 11 14.74 1.14 -0.14
N ILE A 12 14.08 0.34 -0.96
CA ILE A 12 13.37 0.86 -2.10
C ILE A 12 12.21 1.78 -1.66
N ALA A 13 11.48 1.33 -0.67
CA ALA A 13 10.35 2.09 -0.16
C ALA A 13 10.81 3.41 0.47
N VAL A 14 11.95 3.37 1.14
CA VAL A 14 12.46 4.57 1.79
C VAL A 14 12.86 5.62 0.77
N ILE A 15 13.55 5.22 -0.28
CA ILE A 15 13.96 6.16 -1.29
C ILE A 15 12.75 6.72 -2.04
N VAL A 16 11.85 5.84 -2.38
CA VAL A 16 10.66 6.23 -3.10
C VAL A 16 9.82 7.14 -2.25
N VAL A 17 9.72 6.85 -0.98
CA VAL A 17 8.89 7.67 -0.16
C VAL A 17 9.43 9.09 -0.02
N LEU A 18 10.70 9.24 0.25
CA LEU A 18 11.28 10.58 0.37
C LEU A 18 11.30 11.26 -0.98
N LEU A 19 11.67 10.49 -1.98
CA LEU A 19 11.77 10.97 -3.34
C LEU A 19 10.39 11.38 -3.85
N PHE A 20 9.35 10.63 -3.50
CA PHE A 20 8.02 11.03 -3.93
C PHE A 20 7.65 12.27 -3.15
N GLY A 21 8.05 12.30 -1.90
CA GLY A 21 7.79 13.44 -1.03
C GLY A 21 6.64 13.15 -0.07
N THR A 22 6.25 11.89 -0.05
CA THR A 22 5.17 11.44 0.83
C THR A 22 3.88 12.18 0.58
N LYS A 23 3.76 12.75 -0.62
CA LYS A 23 2.55 13.50 -0.98
C LYS A 23 1.60 12.68 -1.85
N LYS A 24 2.09 11.60 -2.42
CA LYS A 24 1.27 10.74 -3.28
C LYS A 24 0.63 9.62 -2.46
N LEU A 25 1.48 8.83 -1.82
CA LEU A 25 1.03 7.72 -1.00
C LEU A 25 -0.11 8.13 -0.12
N GLY A 26 0.02 9.33 0.38
CA GLY A 26 -0.94 9.85 1.28
C GLY A 26 -2.21 10.25 0.53
N SER A 27 -2.05 10.54 -0.77
CA SER A 27 -3.17 10.94 -1.59
C SER A 27 -3.76 9.78 -2.38
N ILE A 28 -2.91 8.87 -2.82
CA ILE A 28 -3.37 7.73 -3.58
C ILE A 28 -3.65 6.57 -2.65
N GLY A 29 -2.80 6.43 -1.64
CA GLY A 29 -2.94 5.36 -0.67
C GLY A 29 -4.28 5.47 0.05
N SER A 30 -4.80 6.68 0.17
CA SER A 30 -6.06 6.89 0.85
C SER A 30 -7.21 6.22 0.10
N ASP A 31 -7.18 6.29 -1.22
CA ASP A 31 -8.21 5.67 -2.03
C ASP A 31 -8.06 4.17 -1.95
N LEU A 32 -6.82 3.72 -2.06
CA LEU A 32 -6.52 2.31 -2.00
C LEU A 32 -6.83 1.73 -0.63
N GLY A 33 -6.46 2.45 0.40
CA GLY A 33 -6.73 1.95 1.72
C GLY A 33 -8.21 1.84 1.95
N ALA A 34 -8.92 2.89 1.56
CA ALA A 34 -10.38 2.92 1.70
C ALA A 34 -11.06 1.97 0.73
N SER A 35 -10.55 1.91 -0.50
CA SER A 35 -11.16 1.06 -1.52
C SER A 35 -11.09 -0.40 -1.10
N ILE A 36 -9.96 -0.78 -0.57
CA ILE A 36 -9.77 -2.14 -0.10
C ILE A 36 -10.62 -2.39 1.11
N LYS A 37 -10.70 -1.40 1.97
CA LYS A 37 -11.48 -1.58 3.16
C LYS A 37 -12.91 -1.89 2.76
N GLY A 38 -13.41 -1.15 1.78
CA GLY A 38 -14.76 -1.38 1.28
C GLY A 38 -14.83 -2.73 0.58
N PHE A 39 -13.75 -3.10 -0.12
CA PHE A 39 -13.70 -4.37 -0.83
C PHE A 39 -13.59 -5.52 0.15
N LYS A 40 -12.64 -5.41 1.06
CA LYS A 40 -12.46 -6.44 2.07
C LYS A 40 -13.69 -6.54 2.95
N LYS A 41 -14.28 -5.40 3.27
CA LYS A 41 -15.46 -5.41 4.10
C LYS A 41 -16.59 -6.18 3.42
N ALA A 42 -16.68 -6.00 2.11
CA ALA A 42 -17.72 -6.67 1.33
C ALA A 42 -17.47 -8.18 1.30
N MET A 43 -16.20 -8.58 1.25
CA MET A 43 -15.85 -9.99 1.21
C MET A 43 -15.69 -10.57 2.62
N SER A 44 -15.31 -9.71 3.56
CA SER A 44 -15.12 -10.13 4.94
C SER A 44 -16.37 -10.84 5.45
N ASP A 45 -17.51 -10.49 4.87
CA ASP A 45 -18.78 -11.09 5.26
C ASP A 45 -18.76 -12.59 4.98
N ASP A 46 -18.16 -12.97 3.87
CA ASP A 46 -18.09 -14.38 3.50
C ASP A 46 -17.01 -15.09 4.32
N GLU A 47 -16.91 -14.74 5.59
CA GLU A 47 -15.93 -15.34 6.48
C GLU A 47 -16.23 -14.99 7.93
N PRO A 48 -17.28 -15.56 8.49
CA PRO A 48 -17.68 -15.29 9.89
C PRO A 48 -16.85 -16.10 10.89
N MET A 1 5.62 -6.12 -7.63
CA MET A 1 5.22 -7.39 -6.94
C MET A 1 5.85 -8.57 -7.68
N GLY A 2 6.58 -8.27 -8.74
CA GLY A 2 7.22 -9.30 -9.54
C GLY A 2 8.52 -9.75 -8.89
N GLY A 3 8.53 -9.84 -7.55
CA GLY A 3 9.72 -10.26 -6.83
C GLY A 3 9.93 -9.42 -5.58
N ILE A 4 8.98 -8.52 -5.32
CA ILE A 4 9.06 -7.65 -4.16
C ILE A 4 8.28 -8.24 -2.98
N SER A 5 9.02 -8.66 -1.98
CA SER A 5 8.43 -9.22 -0.78
C SER A 5 8.13 -8.11 0.22
N ILE A 6 8.39 -8.38 1.49
CA ILE A 6 8.18 -7.42 2.55
C ILE A 6 9.44 -6.59 2.78
N TRP A 7 10.60 -7.22 2.69
CA TRP A 7 11.85 -6.51 2.89
C TRP A 7 12.16 -5.65 1.67
N GLN A 8 11.87 -6.17 0.49
CA GLN A 8 12.14 -5.43 -0.71
C GLN A 8 11.27 -4.18 -0.75
N LEU A 9 10.03 -4.31 -0.29
CA LEU A 9 9.11 -3.18 -0.26
C LEU A 9 9.49 -2.19 0.84
N LEU A 10 9.92 -2.71 1.98
CA LEU A 10 10.25 -1.85 3.12
C LEU A 10 11.42 -0.94 2.80
N ILE A 11 12.46 -1.50 2.22
CA ILE A 11 13.60 -0.69 1.87
C ILE A 11 13.20 0.25 0.76
N ILE A 12 12.47 -0.28 -0.21
CA ILE A 12 12.03 0.50 -1.34
C ILE A 12 11.06 1.59 -0.90
N ALA A 13 10.13 1.22 -0.06
CA ALA A 13 9.12 2.14 0.43
C ALA A 13 9.75 3.25 1.26
N VAL A 14 10.77 2.91 2.04
CA VAL A 14 11.42 3.91 2.89
C VAL A 14 12.15 4.94 2.07
N ILE A 15 12.89 4.51 1.08
CA ILE A 15 13.61 5.41 0.23
C ILE A 15 12.64 6.24 -0.56
N VAL A 16 11.63 5.57 -1.06
CA VAL A 16 10.65 6.24 -1.86
C VAL A 16 9.94 7.26 -1.04
N VAL A 17 9.61 6.94 0.16
CA VAL A 17 8.87 7.91 0.91
C VAL A 17 9.67 9.16 1.23
N LEU A 18 10.85 9.00 1.75
CA LEU A 18 11.64 10.19 2.05
C LEU A 18 12.07 10.93 0.80
N LEU A 19 12.51 10.19 -0.21
CA LEU A 19 12.94 10.79 -1.47
C LEU A 19 11.77 11.45 -2.19
N PHE A 20 10.58 10.82 -2.15
CA PHE A 20 9.43 11.42 -2.83
C PHE A 20 9.04 12.68 -2.10
N GLY A 21 9.14 12.65 -0.79
CA GLY A 21 8.81 13.81 0.02
C GLY A 21 7.41 13.65 0.57
N THR A 22 6.93 12.43 0.45
CA THR A 22 5.62 12.10 0.95
C THR A 22 4.55 13.02 0.42
N LYS A 23 4.17 12.81 -0.84
CA LYS A 23 3.16 13.62 -1.46
C LYS A 23 2.26 12.79 -2.37
N LYS A 24 2.86 11.81 -3.03
CA LYS A 24 2.11 10.95 -3.92
C LYS A 24 1.31 9.91 -3.14
N LEU A 25 1.98 9.22 -2.24
CA LEU A 25 1.34 8.18 -1.46
C LEU A 25 0.11 8.72 -0.77
N GLY A 26 0.22 9.94 -0.34
CA GLY A 26 -0.86 10.57 0.35
C GLY A 26 -1.97 10.92 -0.61
N SER A 27 -1.60 11.10 -1.88
CA SER A 27 -2.56 11.45 -2.92
C SER A 27 -3.10 10.24 -3.65
N ILE A 28 -2.24 9.27 -3.94
CA ILE A 28 -2.67 8.09 -4.64
C ILE A 28 -3.04 6.99 -3.65
N GLY A 29 -2.30 6.95 -2.56
CA GLY A 29 -2.55 5.95 -1.52
C GLY A 29 -3.92 6.13 -0.91
N SER A 30 -4.44 7.37 -0.98
CA SER A 30 -5.74 7.66 -0.42
C SER A 30 -6.85 6.90 -1.14
N ASP A 31 -6.76 6.84 -2.46
CA ASP A 31 -7.75 6.14 -3.23
C ASP A 31 -7.56 4.64 -3.07
N LEU A 32 -6.30 4.23 -3.09
CA LEU A 32 -5.96 2.83 -2.95
C LEU A 32 -6.28 2.32 -1.56
N GLY A 33 -5.94 3.09 -0.56
CA GLY A 33 -6.20 2.66 0.79
C GLY A 33 -7.69 2.54 1.01
N ALA A 34 -8.42 3.53 0.52
CA ALA A 34 -9.87 3.52 0.65
C ALA A 34 -10.50 2.49 -0.27
N SER A 35 -9.97 2.36 -1.48
CA SER A 35 -10.53 1.43 -2.45
C SER A 35 -10.39 -0.01 -1.96
N ILE A 36 -9.25 -0.30 -1.37
CA ILE A 36 -8.98 -1.63 -0.86
C ILE A 36 -9.83 -1.92 0.36
N LYS A 37 -9.99 -0.93 1.20
CA LYS A 37 -10.78 -1.15 2.40
C LYS A 37 -12.17 -1.55 1.97
N GLY A 38 -12.69 -0.89 0.95
CA GLY A 38 -14.01 -1.20 0.43
C GLY A 38 -13.99 -2.57 -0.24
N PHE A 39 -12.88 -2.88 -0.91
CA PHE A 39 -12.75 -4.17 -1.58
C PHE A 39 -12.61 -5.28 -0.56
N LYS A 40 -11.67 -5.10 0.36
CA LYS A 40 -11.47 -6.09 1.40
C LYS A 40 -12.70 -6.22 2.28
N LYS A 41 -13.34 -5.10 2.54
CA LYS A 41 -14.53 -5.13 3.37
C LYS A 41 -15.60 -5.98 2.71
N ALA A 42 -15.71 -5.85 1.40
CA ALA A 42 -16.70 -6.61 0.65
C ALA A 42 -16.36 -8.10 0.69
N MET A 43 -15.07 -8.43 0.64
CA MET A 43 -14.64 -9.83 0.67
C MET A 43 -14.40 -10.28 2.11
N SER A 44 -13.38 -9.70 2.72
CA SER A 44 -13.03 -10.04 4.10
C SER A 44 -12.94 -11.56 4.26
N ASP A 45 -12.56 -11.99 5.47
CA ASP A 45 -12.43 -13.43 5.74
C ASP A 45 -13.74 -13.97 6.33
N ASP A 46 -14.40 -14.84 5.57
CA ASP A 46 -15.67 -15.43 6.01
C ASP A 46 -15.41 -16.61 6.93
N GLU A 47 -14.20 -16.69 7.46
CA GLU A 47 -13.83 -17.78 8.37
C GLU A 47 -12.71 -17.33 9.29
N PRO A 48 -13.02 -16.60 10.32
CA PRO A 48 -12.02 -16.11 11.30
C PRO A 48 -11.69 -17.15 12.36
N MET A 1 11.87 -11.66 -9.63
CA MET A 1 10.87 -12.33 -8.76
C MET A 1 11.59 -13.37 -7.90
N GLY A 2 12.90 -13.44 -8.06
CA GLY A 2 13.71 -14.40 -7.32
C GLY A 2 13.62 -14.12 -5.82
N GLY A 3 13.53 -12.85 -5.46
CA GLY A 3 13.44 -12.46 -4.07
C GLY A 3 12.81 -11.08 -3.96
N ILE A 4 12.10 -10.69 -5.01
CA ILE A 4 11.43 -9.39 -5.03
C ILE A 4 10.02 -9.51 -4.51
N SER A 5 9.84 -9.02 -3.30
CA SER A 5 8.52 -9.06 -2.66
C SER A 5 8.40 -7.91 -1.64
N ILE A 6 8.00 -8.24 -0.42
CA ILE A 6 7.84 -7.26 0.64
C ILE A 6 9.16 -6.55 0.91
N TRP A 7 10.26 -7.29 0.83
CA TRP A 7 11.57 -6.72 1.09
C TRP A 7 11.87 -5.63 0.07
N GLN A 8 11.62 -5.92 -1.19
CA GLN A 8 11.90 -4.93 -2.22
C GLN A 8 10.97 -3.75 -2.00
N LEU A 9 9.74 -4.04 -1.63
CA LEU A 9 8.77 -3.00 -1.37
C LEU A 9 9.16 -2.16 -0.17
N LEU A 10 9.69 -2.83 0.84
CA LEU A 10 10.03 -2.14 2.07
C LEU A 10 11.12 -1.11 1.82
N ILE A 11 12.19 -1.52 1.16
CA ILE A 11 13.24 -0.58 0.85
C ILE A 11 12.72 0.44 -0.15
N ILE A 12 12.02 -0.03 -1.16
CA ILE A 12 11.49 0.86 -2.16
C ILE A 12 10.48 1.82 -1.57
N ALA A 13 9.56 1.29 -0.78
CA ALA A 13 8.53 2.11 -0.16
C ALA A 13 9.13 3.10 0.83
N VAL A 14 10.16 2.69 1.55
CA VAL A 14 10.79 3.58 2.52
C VAL A 14 11.50 4.70 1.81
N ILE A 15 12.23 4.37 0.76
CA ILE A 15 12.95 5.36 0.00
C ILE A 15 11.99 6.30 -0.67
N VAL A 16 10.96 5.72 -1.23
CA VAL A 16 9.97 6.48 -1.93
C VAL A 16 9.28 7.40 -0.99
N VAL A 17 8.95 6.94 0.17
CA VAL A 17 8.22 7.79 1.05
C VAL A 17 9.04 8.99 1.51
N LEU A 18 10.26 8.79 1.88
CA LEU A 18 11.09 9.91 2.29
C LEU A 18 11.46 10.74 1.08
N LEU A 19 11.81 10.05 0.00
CA LEU A 19 12.21 10.68 -1.24
C LEU A 19 11.06 11.47 -1.84
N PHE A 20 9.85 10.91 -1.82
CA PHE A 20 8.71 11.65 -2.37
C PHE A 20 8.41 12.82 -1.46
N GLY A 21 8.64 12.61 -0.18
CA GLY A 21 8.40 13.64 0.82
C GLY A 21 7.02 13.50 1.40
N THR A 22 6.42 12.35 1.12
CA THR A 22 5.09 12.04 1.62
C THR A 22 4.07 13.10 1.24
N LYS A 23 3.64 13.05 -0.01
CA LYS A 23 2.65 14.02 -0.48
C LYS A 23 1.72 13.40 -1.50
N LYS A 24 2.17 12.37 -2.20
CA LYS A 24 1.34 11.71 -3.20
C LYS A 24 0.61 10.52 -2.60
N LEU A 25 1.28 9.75 -1.74
CA LEU A 25 0.65 8.59 -1.11
C LEU A 25 -0.55 9.00 -0.32
N GLY A 26 -0.44 10.15 0.29
CA GLY A 26 -1.53 10.66 1.08
C GLY A 26 -2.63 11.12 0.16
N SER A 27 -2.25 11.46 -1.07
CA SER A 27 -3.22 11.92 -2.07
C SER A 27 -3.84 10.77 -2.85
N ILE A 28 -3.02 9.81 -3.27
CA ILE A 28 -3.53 8.69 -4.04
C ILE A 28 -3.87 7.54 -3.12
N GLY A 29 -3.08 7.40 -2.08
CA GLY A 29 -3.28 6.32 -1.11
C GLY A 29 -4.62 6.47 -0.42
N SER A 30 -5.15 7.70 -0.40
CA SER A 30 -6.43 7.96 0.26
C SER A 30 -7.56 7.23 -0.44
N ASP A 31 -7.58 7.26 -1.76
CA ASP A 31 -8.63 6.58 -2.51
C ASP A 31 -8.38 5.09 -2.49
N LEU A 32 -7.11 4.72 -2.67
CA LEU A 32 -6.71 3.32 -2.68
C LEU A 32 -6.88 2.68 -1.32
N GLY A 33 -6.46 3.37 -0.29
CA GLY A 33 -6.58 2.81 1.03
C GLY A 33 -8.04 2.60 1.38
N ALA A 34 -8.86 3.60 1.06
CA ALA A 34 -10.28 3.53 1.32
C ALA A 34 -10.97 2.55 0.37
N SER A 35 -10.56 2.57 -0.90
CA SER A 35 -11.17 1.70 -1.90
C SER A 35 -10.94 0.24 -1.55
N ILE A 36 -9.75 -0.06 -1.09
CA ILE A 36 -9.41 -1.40 -0.69
C ILE A 36 -10.15 -1.76 0.58
N LYS A 37 -10.26 -0.82 1.48
CA LYS A 37 -10.95 -1.10 2.71
C LYS A 37 -12.38 -1.50 2.38
N GLY A 38 -12.98 -0.76 1.48
CA GLY A 38 -14.34 -1.07 1.06
C GLY A 38 -14.36 -2.39 0.30
N PHE A 39 -13.29 -2.65 -0.47
CA PHE A 39 -13.21 -3.88 -1.24
C PHE A 39 -12.97 -5.06 -0.32
N LYS A 40 -11.97 -4.96 0.53
CA LYS A 40 -11.66 -6.01 1.48
C LYS A 40 -12.83 -6.21 2.44
N LYS A 41 -13.45 -5.11 2.84
CA LYS A 41 -14.56 -5.21 3.76
C LYS A 41 -15.69 -6.02 3.14
N ALA A 42 -15.88 -5.86 1.84
CA ALA A 42 -16.92 -6.59 1.14
C ALA A 42 -16.60 -8.09 1.12
N MET A 43 -15.32 -8.41 1.01
CA MET A 43 -14.88 -9.80 0.98
C MET A 43 -14.51 -10.27 2.38
N SER A 44 -13.41 -9.72 2.90
CA SER A 44 -12.93 -10.09 4.24
C SER A 44 -12.90 -11.60 4.40
N ASP A 45 -13.06 -12.30 3.29
CA ASP A 45 -13.05 -13.76 3.29
C ASP A 45 -13.90 -14.34 4.40
N ASP A 46 -13.28 -15.12 5.28
CA ASP A 46 -14.02 -15.71 6.40
C ASP A 46 -14.29 -14.65 7.44
N GLU A 47 -14.17 -13.40 7.03
CA GLU A 47 -14.40 -12.28 7.93
C GLU A 47 -13.79 -12.56 9.32
N PRO A 48 -12.50 -12.50 9.41
CA PRO A 48 -11.78 -12.76 10.70
C PRO A 48 -11.78 -11.54 11.62
N MET A 1 4.75 -6.22 -8.04
CA MET A 1 5.96 -6.52 -7.22
C MET A 1 6.98 -7.27 -8.07
N GLY A 2 6.50 -8.26 -8.83
CA GLY A 2 7.39 -9.05 -9.68
C GLY A 2 7.76 -10.37 -9.00
N GLY A 3 7.25 -10.59 -7.79
CA GLY A 3 7.54 -11.82 -7.04
C GLY A 3 8.67 -11.60 -6.06
N ILE A 4 8.95 -10.34 -5.78
CA ILE A 4 10.02 -9.98 -4.86
C ILE A 4 9.63 -10.37 -3.43
N SER A 5 9.49 -9.38 -2.56
CA SER A 5 9.12 -9.63 -1.18
C SER A 5 8.68 -8.35 -0.53
N ILE A 6 8.71 -8.33 0.79
CA ILE A 6 8.32 -7.17 1.56
C ILE A 6 9.52 -6.37 2.03
N TRP A 7 10.57 -7.07 2.36
CA TRP A 7 11.75 -6.43 2.85
C TRP A 7 12.31 -5.52 1.74
N GLN A 8 12.20 -5.96 0.50
CA GLN A 8 12.65 -5.16 -0.62
C GLN A 8 11.81 -3.90 -0.68
N LEU A 9 10.53 -4.08 -0.43
CA LEU A 9 9.59 -2.96 -0.42
C LEU A 9 9.93 -1.99 0.68
N LEU A 10 10.33 -2.53 1.80
CA LEU A 10 10.62 -1.70 2.95
C LEU A 10 11.77 -0.74 2.63
N ILE A 11 12.80 -1.23 2.00
CA ILE A 11 13.91 -0.35 1.63
C ILE A 11 13.47 0.62 0.56
N ILE A 12 12.75 0.09 -0.44
CA ILE A 12 12.25 0.92 -1.53
C ILE A 12 11.22 1.92 -1.04
N ALA A 13 10.30 1.45 -0.23
CA ALA A 13 9.25 2.30 0.29
C ALA A 13 9.82 3.38 1.19
N VAL A 14 10.84 3.05 1.96
CA VAL A 14 11.43 4.03 2.87
C VAL A 14 12.11 5.15 2.11
N ILE A 15 12.86 4.81 1.09
CA ILE A 15 13.54 5.81 0.30
C ILE A 15 12.54 6.64 -0.45
N VAL A 16 11.55 5.97 -0.99
CA VAL A 16 10.51 6.64 -1.75
C VAL A 16 9.73 7.56 -0.87
N VAL A 17 9.42 7.15 0.31
CA VAL A 17 8.63 8.00 1.14
C VAL A 17 9.33 9.27 1.53
N LEU A 18 10.55 9.16 1.93
CA LEU A 18 11.31 10.34 2.30
C LEU A 18 11.67 11.12 1.05
N LEU A 19 12.09 10.41 0.04
CA LEU A 19 12.46 11.03 -1.20
C LEU A 19 11.27 11.71 -1.85
N PHE A 20 10.12 11.04 -1.82
CA PHE A 20 8.94 11.66 -2.41
C PHE A 20 8.51 12.83 -1.56
N GLY A 21 8.70 12.71 -0.26
CA GLY A 21 8.34 13.80 0.66
C GLY A 21 6.97 13.56 1.24
N THR A 22 6.47 12.36 1.03
CA THR A 22 5.18 11.95 1.58
C THR A 22 4.08 12.87 1.14
N LYS A 23 3.76 12.82 -0.14
CA LYS A 23 2.70 13.65 -0.68
C LYS A 23 1.87 12.89 -1.70
N LYS A 24 2.46 11.88 -2.31
CA LYS A 24 1.76 11.09 -3.30
C LYS A 24 1.00 9.96 -2.64
N LEU A 25 1.70 9.19 -1.82
CA LEU A 25 1.10 8.06 -1.14
C LEU A 25 -0.14 8.49 -0.40
N GLY A 26 -0.07 9.68 0.15
CA GLY A 26 -1.17 10.18 0.92
C GLY A 26 -2.32 10.58 0.01
N SER A 27 -1.99 10.91 -1.24
CA SER A 27 -3.01 11.31 -2.20
C SER A 27 -3.52 10.14 -3.03
N ILE A 28 -2.61 9.26 -3.43
CA ILE A 28 -2.99 8.11 -4.23
C ILE A 28 -3.30 6.92 -3.34
N GLY A 29 -2.54 6.82 -2.26
CA GLY A 29 -2.72 5.71 -1.33
C GLY A 29 -4.09 5.79 -0.65
N SER A 30 -4.62 6.99 -0.58
CA SER A 30 -5.93 7.21 0.05
C SER A 30 -7.03 6.52 -0.74
N ASP A 31 -6.94 6.59 -2.06
CA ASP A 31 -7.94 5.97 -2.91
C ASP A 31 -7.66 4.49 -3.04
N LEU A 32 -6.37 4.16 -3.14
CA LEU A 32 -5.97 2.77 -3.27
C LEU A 32 -6.21 2.02 -1.98
N GLY A 33 -5.82 2.62 -0.86
CA GLY A 33 -6.01 1.95 0.40
C GLY A 33 -7.49 1.73 0.66
N ALA A 34 -8.28 2.76 0.38
CA ALA A 34 -9.72 2.68 0.57
C ALA A 34 -10.36 1.72 -0.43
N SER A 35 -9.88 1.77 -1.67
CA SER A 35 -10.44 0.93 -2.71
C SER A 35 -10.22 -0.54 -2.39
N ILE A 36 -9.03 -0.84 -1.92
CA ILE A 36 -8.68 -2.20 -1.55
C ILE A 36 -9.46 -2.62 -0.33
N LYS A 37 -9.61 -1.72 0.60
CA LYS A 37 -10.32 -2.06 1.80
C LYS A 37 -11.72 -2.50 1.43
N GLY A 38 -12.32 -1.76 0.53
CA GLY A 38 -13.65 -2.10 0.07
C GLY A 38 -13.61 -3.42 -0.70
N PHE A 39 -12.53 -3.64 -1.44
CA PHE A 39 -12.39 -4.87 -2.22
C PHE A 39 -12.17 -6.04 -1.30
N LYS A 40 -11.18 -5.92 -0.44
CA LYS A 40 -10.90 -6.98 0.51
C LYS A 40 -12.07 -7.18 1.44
N LYS A 41 -12.69 -6.10 1.85
CA LYS A 41 -13.83 -6.21 2.75
C LYS A 41 -14.94 -7.00 2.09
N ALA A 42 -15.15 -6.77 0.80
CA ALA A 42 -16.18 -7.47 0.07
C ALA A 42 -15.80 -8.94 -0.13
N MET A 43 -14.52 -9.19 -0.39
CA MET A 43 -14.03 -10.56 -0.62
C MET A 43 -13.62 -11.21 0.70
N SER A 44 -13.55 -10.40 1.76
CA SER A 44 -13.16 -10.92 3.06
C SER A 44 -14.25 -11.85 3.59
N ASP A 45 -13.83 -12.92 4.27
CA ASP A 45 -14.78 -13.89 4.83
C ASP A 45 -14.38 -14.28 6.25
N ASP A 46 -13.07 -14.30 6.49
CA ASP A 46 -12.57 -14.66 7.82
C ASP A 46 -12.76 -13.49 8.78
N GLU A 47 -13.98 -12.94 8.80
CA GLU A 47 -14.28 -11.82 9.68
C GLU A 47 -14.13 -12.23 11.14
N PRO A 48 -13.80 -11.30 12.01
CA PRO A 48 -13.63 -11.57 13.47
C PRO A 48 -14.96 -11.91 14.13
N MET A 1 7.09 -11.46 -9.46
CA MET A 1 7.61 -11.61 -8.06
C MET A 1 8.86 -12.46 -8.09
N GLY A 2 9.72 -12.22 -9.08
CA GLY A 2 10.96 -12.96 -9.21
C GLY A 2 12.03 -12.42 -8.27
N GLY A 3 11.61 -11.90 -7.11
CA GLY A 3 12.56 -11.35 -6.14
C GLY A 3 11.96 -10.13 -5.45
N ILE A 4 10.77 -9.74 -5.88
CA ILE A 4 10.10 -8.58 -5.32
C ILE A 4 9.19 -9.01 -4.17
N SER A 5 9.49 -8.50 -2.99
CA SER A 5 8.72 -8.79 -1.78
C SER A 5 8.49 -7.52 -1.00
N ILE A 6 8.59 -7.60 0.32
CA ILE A 6 8.38 -6.45 1.18
C ILE A 6 9.69 -5.74 1.48
N TRP A 7 10.74 -6.51 1.63
CA TRP A 7 12.03 -5.98 1.94
C TRP A 7 12.47 -5.07 0.80
N GLN A 8 12.23 -5.48 -0.45
CA GLN A 8 12.61 -4.64 -1.57
C GLN A 8 11.79 -3.37 -1.50
N LEU A 9 10.54 -3.53 -1.12
CA LEU A 9 9.66 -2.40 -0.96
C LEU A 9 10.12 -1.50 0.16
N LEU A 10 10.64 -2.10 1.21
CA LEU A 10 11.01 -1.37 2.39
C LEU A 10 12.13 -0.36 2.08
N ILE A 11 13.19 -0.78 1.43
CA ILE A 11 14.25 0.17 1.07
C ILE A 11 13.71 1.17 0.05
N ILE A 12 12.98 0.65 -0.94
CA ILE A 12 12.38 1.49 -1.98
C ILE A 12 11.35 2.45 -1.38
N ALA A 13 10.51 1.94 -0.50
CA ALA A 13 9.48 2.77 0.11
C ALA A 13 10.10 3.87 0.98
N VAL A 14 11.19 3.56 1.66
CA VAL A 14 11.83 4.55 2.51
C VAL A 14 12.43 5.68 1.71
N ILE A 15 13.12 5.35 0.63
CA ILE A 15 13.69 6.37 -0.21
C ILE A 15 12.59 7.15 -0.89
N VAL A 16 11.60 6.43 -1.36
CA VAL A 16 10.51 7.08 -2.04
C VAL A 16 9.81 8.00 -1.12
N VAL A 17 9.60 7.60 0.09
CA VAL A 17 8.87 8.46 0.97
C VAL A 17 9.60 9.75 1.30
N LEU A 18 10.82 9.66 1.71
CA LEU A 18 11.55 10.87 2.04
C LEU A 18 11.83 11.71 0.79
N LEU A 19 12.26 11.06 -0.29
CA LEU A 19 12.55 11.76 -1.53
C LEU A 19 11.27 12.37 -2.12
N PHE A 20 10.14 11.66 -2.03
CA PHE A 20 8.91 12.19 -2.59
C PHE A 20 8.46 13.38 -1.75
N GLY A 21 8.69 13.29 -0.46
CA GLY A 21 8.29 14.37 0.45
C GLY A 21 6.95 14.06 1.06
N THR A 22 6.54 12.82 0.88
CA THR A 22 5.30 12.34 1.44
C THR A 22 4.13 13.19 1.05
N LYS A 23 3.71 13.03 -0.20
CA LYS A 23 2.59 13.78 -0.71
C LYS A 23 1.71 12.89 -1.58
N LYS A 24 2.31 11.91 -2.26
CA LYS A 24 1.55 11.03 -3.11
C LYS A 24 0.90 9.94 -2.31
N LEU A 25 1.72 9.24 -1.56
CA LEU A 25 1.24 8.12 -0.79
C LEU A 25 0.02 8.50 0.00
N GLY A 26 0.06 9.69 0.50
CA GLY A 26 -1.02 10.20 1.30
C GLY A 26 -2.21 10.54 0.41
N SER A 27 -1.93 10.82 -0.86
CA SER A 27 -2.95 11.18 -1.82
C SER A 27 -3.43 9.99 -2.64
N ILE A 28 -2.50 9.14 -3.04
CA ILE A 28 -2.85 7.99 -3.85
C ILE A 28 -3.12 6.79 -2.94
N GLY A 29 -2.36 6.70 -1.86
CA GLY A 29 -2.50 5.60 -0.92
C GLY A 29 -3.89 5.62 -0.27
N SER A 30 -4.48 6.81 -0.20
CA SER A 30 -5.79 6.95 0.38
C SER A 30 -6.84 6.21 -0.43
N ASP A 31 -6.71 6.25 -1.75
CA ASP A 31 -7.64 5.56 -2.62
C ASP A 31 -7.40 4.08 -2.54
N LEU A 32 -6.13 3.70 -2.56
CA LEU A 32 -5.76 2.31 -2.48
C LEU A 32 -6.15 1.71 -1.15
N GLY A 33 -5.88 2.43 -0.09
CA GLY A 33 -6.22 1.90 1.21
C GLY A 33 -7.72 1.74 1.32
N ALA A 34 -8.44 2.76 0.88
CA ALA A 34 -9.89 2.72 0.93
C ALA A 34 -10.46 1.74 -0.09
N SER A 35 -9.86 1.70 -1.27
CA SER A 35 -10.36 0.82 -2.33
C SER A 35 -10.26 -0.63 -1.90
N ILE A 36 -9.15 -0.97 -1.27
CA ILE A 36 -8.95 -2.32 -0.78
C ILE A 36 -9.87 -2.60 0.38
N LYS A 37 -10.04 -1.62 1.23
CA LYS A 37 -10.87 -1.83 2.37
C LYS A 37 -12.26 -2.18 1.88
N GLY A 38 -12.70 -1.47 0.84
CA GLY A 38 -14.00 -1.74 0.25
C GLY A 38 -13.99 -3.11 -0.43
N PHE A 39 -12.84 -3.47 -1.02
CA PHE A 39 -12.73 -4.75 -1.71
C PHE A 39 -12.69 -5.88 -0.69
N LYS A 40 -11.80 -5.76 0.26
CA LYS A 40 -11.71 -6.78 1.30
C LYS A 40 -12.99 -6.83 2.11
N LYS A 41 -13.56 -5.67 2.39
CA LYS A 41 -14.79 -5.63 3.15
C LYS A 41 -15.90 -6.34 2.40
N ALA A 42 -15.92 -6.17 1.09
CA ALA A 42 -16.94 -6.80 0.27
C ALA A 42 -16.78 -8.32 0.27
N MET A 43 -15.53 -8.78 0.31
CA MET A 43 -15.24 -10.21 0.32
C MET A 43 -15.14 -10.72 1.75
N SER A 44 -14.13 -10.23 2.46
CA SER A 44 -13.91 -10.63 3.85
C SER A 44 -14.21 -12.12 4.04
N ASP A 45 -15.45 -12.44 4.40
CA ASP A 45 -15.84 -13.83 4.59
C ASP A 45 -14.91 -14.54 5.56
N ASP A 46 -14.40 -13.79 6.54
CA ASP A 46 -13.49 -14.34 7.53
C ASP A 46 -14.24 -14.70 8.81
N GLU A 47 -15.47 -15.19 8.65
CA GLU A 47 -16.30 -15.56 9.79
C GLU A 47 -16.40 -14.40 10.78
N PRO A 48 -16.74 -13.24 10.30
CA PRO A 48 -16.88 -12.03 11.16
C PRO A 48 -18.03 -12.17 12.15
N MET A 1 6.71 -5.16 -8.97
CA MET A 1 7.72 -4.86 -7.93
C MET A 1 7.02 -4.45 -6.65
N GLY A 2 5.83 -5.00 -6.43
CA GLY A 2 5.06 -4.68 -5.23
C GLY A 2 4.75 -5.93 -4.42
N GLY A 3 4.92 -7.09 -5.04
CA GLY A 3 4.66 -8.37 -4.38
C GLY A 3 5.96 -9.08 -4.02
N ILE A 4 7.07 -8.45 -4.38
CA ILE A 4 8.39 -9.01 -4.10
C ILE A 4 8.44 -9.59 -2.69
N SER A 5 8.72 -8.76 -1.72
CA SER A 5 8.80 -9.22 -0.33
C SER A 5 8.54 -8.05 0.61
N ILE A 6 8.86 -8.25 1.87
CA ILE A 6 8.71 -7.24 2.88
C ILE A 6 9.98 -6.41 3.04
N TRP A 7 11.13 -7.05 2.99
CA TRP A 7 12.38 -6.34 3.12
C TRP A 7 12.64 -5.52 1.86
N GLN A 8 12.36 -6.10 0.70
CA GLN A 8 12.59 -5.42 -0.56
C GLN A 8 11.71 -4.19 -0.67
N LEU A 9 10.49 -4.32 -0.19
CA LEU A 9 9.55 -3.21 -0.23
C LEU A 9 9.93 -2.14 0.80
N LEU A 10 10.39 -2.58 1.96
CA LEU A 10 10.72 -1.67 3.05
C LEU A 10 11.83 -0.73 2.65
N ILE A 11 12.89 -1.28 2.12
CA ILE A 11 13.98 -0.46 1.68
C ILE A 11 13.52 0.39 0.52
N ILE A 12 12.79 -0.24 -0.41
CA ILE A 12 12.31 0.48 -1.58
C ILE A 12 11.32 1.57 -1.17
N ALA A 13 10.42 1.23 -0.29
CA ALA A 13 9.41 2.17 0.15
C ALA A 13 10.04 3.33 0.89
N VAL A 14 11.08 3.07 1.67
CA VAL A 14 11.72 4.12 2.43
C VAL A 14 12.42 5.12 1.52
N ILE A 15 13.14 4.63 0.54
CA ILE A 15 13.83 5.50 -0.38
C ILE A 15 12.83 6.25 -1.20
N VAL A 16 11.81 5.54 -1.63
CA VAL A 16 10.80 6.17 -2.43
C VAL A 16 10.10 7.22 -1.66
N VAL A 17 9.79 6.99 -0.42
CA VAL A 17 9.06 8.01 0.26
C VAL A 17 9.84 9.30 0.46
N LEU A 18 11.03 9.19 0.93
CA LEU A 18 11.83 10.37 1.16
C LEU A 18 12.23 11.04 -0.13
N LEU A 19 12.66 10.24 -1.09
CA LEU A 19 13.08 10.76 -2.37
C LEU A 19 11.89 11.37 -3.11
N PHE A 20 10.72 10.72 -2.99
CA PHE A 20 9.52 11.19 -3.69
C PHE A 20 9.06 12.48 -3.07
N GLY A 21 9.20 12.57 -1.77
CA GLY A 21 8.81 13.78 -1.06
C GLY A 21 7.46 13.60 -0.38
N THR A 22 6.99 12.38 -0.39
CA THR A 22 5.71 12.07 0.25
C THR A 22 4.59 12.92 -0.27
N LYS A 23 4.24 12.74 -1.54
CA LYS A 23 3.17 13.49 -2.13
C LYS A 23 2.31 12.62 -3.03
N LYS A 24 2.89 11.52 -3.50
CA LYS A 24 2.16 10.60 -4.37
C LYS A 24 1.39 9.59 -3.55
N LEU A 25 2.09 8.95 -2.63
CA LEU A 25 1.47 7.93 -1.79
C LEU A 25 0.26 8.48 -1.09
N GLY A 26 0.36 9.72 -0.71
CA GLY A 26 -0.71 10.35 0.01
C GLY A 26 -1.88 10.64 -0.92
N SER A 27 -1.58 10.79 -2.21
CA SER A 27 -2.59 11.08 -3.21
C SER A 27 -3.13 9.82 -3.86
N ILE A 28 -2.25 8.88 -4.17
CA ILE A 28 -2.67 7.64 -4.80
C ILE A 28 -2.96 6.59 -3.74
N GLY A 29 -2.17 6.61 -2.68
CA GLY A 29 -2.35 5.65 -1.60
C GLY A 29 -3.69 5.83 -0.92
N SER A 30 -4.23 7.04 -1.02
CA SER A 30 -5.51 7.32 -0.40
C SER A 30 -6.63 6.52 -1.05
N ASP A 31 -6.58 6.40 -2.36
CA ASP A 31 -7.59 5.65 -3.09
C ASP A 31 -7.34 4.16 -2.92
N LEU A 32 -6.07 3.79 -2.97
CA LEU A 32 -5.70 2.39 -2.82
C LEU A 32 -5.93 1.91 -1.40
N GLY A 33 -5.51 2.70 -0.44
CA GLY A 33 -5.67 2.31 0.93
C GLY A 33 -7.15 2.17 1.27
N ALA A 34 -7.93 3.14 0.81
CA ALA A 34 -9.36 3.13 1.05
C ALA A 34 -10.05 2.03 0.25
N SER A 35 -9.60 1.87 -1.00
CA SER A 35 -10.21 0.86 -1.87
C SER A 35 -9.99 -0.54 -1.32
N ILE A 36 -8.80 -0.79 -0.83
CA ILE A 36 -8.45 -2.09 -0.29
C ILE A 36 -9.20 -2.34 1.00
N LYS A 37 -9.30 -1.31 1.82
CA LYS A 37 -9.96 -1.50 3.08
C LYS A 37 -11.38 -1.97 2.80
N GLY A 38 -11.98 -1.36 1.79
CA GLY A 38 -13.32 -1.70 1.41
C GLY A 38 -13.37 -3.08 0.79
N PHE A 39 -12.33 -3.41 0.04
CA PHE A 39 -12.25 -4.70 -0.60
C PHE A 39 -12.00 -5.78 0.42
N LYS A 40 -10.99 -5.56 1.24
CA LYS A 40 -10.67 -6.52 2.29
C LYS A 40 -11.82 -6.63 3.28
N LYS A 41 -12.44 -5.51 3.58
CA LYS A 41 -13.55 -5.52 4.53
C LYS A 41 -14.68 -6.38 3.98
N ALA A 42 -14.90 -6.30 2.68
CA ALA A 42 -15.95 -7.07 2.04
C ALA A 42 -15.64 -8.57 2.10
N MET A 43 -14.35 -8.89 1.96
CA MET A 43 -13.90 -10.29 1.99
C MET A 43 -13.45 -10.68 3.39
N SER A 44 -13.33 -9.69 4.27
CA SER A 44 -12.90 -9.96 5.63
C SER A 44 -13.84 -10.94 6.30
N ASP A 45 -15.13 -10.72 6.12
CA ASP A 45 -16.15 -11.59 6.70
C ASP A 45 -16.41 -12.78 5.80
N ASP A 46 -17.33 -13.65 6.21
CA ASP A 46 -17.67 -14.83 5.43
C ASP A 46 -16.42 -15.66 5.16
N GLU A 47 -15.54 -15.74 6.14
CA GLU A 47 -14.31 -16.50 5.99
C GLU A 47 -14.61 -18.00 5.95
N PRO A 48 -13.77 -18.77 5.29
CA PRO A 48 -13.94 -20.26 5.19
C PRO A 48 -13.73 -20.94 6.54
N MET A 1 14.31 -11.01 -8.14
CA MET A 1 13.38 -9.97 -7.59
C MET A 1 11.94 -10.37 -7.90
N GLY A 2 11.77 -11.47 -8.61
CA GLY A 2 10.42 -11.92 -8.95
C GLY A 2 9.78 -12.61 -7.75
N GLY A 3 10.18 -12.19 -6.57
CA GLY A 3 9.67 -12.74 -5.33
C GLY A 3 9.76 -11.69 -4.25
N ILE A 4 9.57 -10.45 -4.67
CA ILE A 4 9.66 -9.32 -3.76
C ILE A 4 8.77 -9.55 -2.57
N SER A 5 9.36 -9.36 -1.42
CA SER A 5 8.67 -9.53 -0.14
C SER A 5 8.36 -8.17 0.48
N ILE A 6 8.67 -8.03 1.77
CA ILE A 6 8.42 -6.79 2.49
C ILE A 6 9.73 -6.03 2.71
N TRP A 7 10.83 -6.77 2.82
CA TRP A 7 12.14 -6.16 3.03
C TRP A 7 12.52 -5.29 1.83
N GLN A 8 12.34 -5.83 0.64
CA GLN A 8 12.69 -5.08 -0.55
C GLN A 8 11.79 -3.87 -0.62
N LEU A 9 10.53 -4.07 -0.26
CA LEU A 9 9.57 -2.99 -0.25
C LEU A 9 9.93 -1.94 0.78
N LEU A 10 10.40 -2.40 1.92
CA LEU A 10 10.71 -1.48 3.00
C LEU A 10 11.83 -0.54 2.57
N ILE A 11 12.92 -1.06 2.04
CA ILE A 11 13.98 -0.20 1.58
C ILE A 11 13.51 0.60 0.39
N ILE A 12 12.85 -0.07 -0.53
CA ILE A 12 12.37 0.58 -1.72
C ILE A 12 11.33 1.65 -1.38
N ALA A 13 10.41 1.31 -0.51
CA ALA A 13 9.37 2.23 -0.11
C ALA A 13 9.97 3.44 0.59
N VAL A 14 11.02 3.24 1.37
CA VAL A 14 11.64 4.36 2.05
C VAL A 14 12.30 5.31 1.04
N ILE A 15 13.00 4.76 0.04
CA ILE A 15 13.66 5.59 -0.98
C ILE A 15 12.61 6.31 -1.81
N VAL A 16 11.57 5.59 -2.17
CA VAL A 16 10.53 6.15 -2.99
C VAL A 16 9.85 7.26 -2.25
N VAL A 17 9.66 7.10 -0.98
CA VAL A 17 8.99 8.12 -0.25
C VAL A 17 9.78 9.41 -0.22
N LEU A 18 11.07 9.36 0.00
CA LEU A 18 11.83 10.59 0.05
C LEU A 18 11.78 11.35 -1.29
N LEU A 19 11.95 10.62 -2.38
CA LEU A 19 11.96 11.21 -3.72
C LEU A 19 10.59 11.71 -4.15
N PHE A 20 9.53 11.00 -3.81
CA PHE A 20 8.21 11.42 -4.23
C PHE A 20 7.86 12.71 -3.52
N GLY A 21 8.37 12.83 -2.31
CA GLY A 21 8.14 14.02 -1.51
C GLY A 21 6.95 13.81 -0.62
N THR A 22 6.51 12.57 -0.61
CA THR A 22 5.40 12.17 0.23
C THR A 22 4.15 13.00 -0.03
N LYS A 23 4.02 13.49 -1.26
CA LYS A 23 2.85 14.29 -1.62
C LYS A 23 1.82 13.47 -2.40
N LYS A 24 2.21 12.28 -2.86
CA LYS A 24 1.30 11.40 -3.60
C LYS A 24 0.67 10.38 -2.66
N LEU A 25 1.52 9.60 -2.02
CA LEU A 25 1.08 8.57 -1.08
C LEU A 25 0.01 9.10 -0.19
N GLY A 26 0.24 10.31 0.24
CA GLY A 26 -0.67 10.96 1.14
C GLY A 26 -1.94 11.37 0.43
N SER A 27 -1.82 11.57 -0.88
CA SER A 27 -2.96 11.99 -1.69
C SER A 27 -3.65 10.81 -2.35
N ILE A 28 -2.88 9.80 -2.75
CA ILE A 28 -3.46 8.64 -3.40
C ILE A 28 -3.74 7.57 -2.35
N GLY A 29 -2.85 7.46 -1.39
CA GLY A 29 -3.00 6.48 -0.33
C GLY A 29 -4.32 6.68 0.40
N SER A 30 -4.83 7.91 0.33
CA SER A 30 -6.09 8.24 0.99
C SER A 30 -7.27 7.49 0.37
N ASP A 31 -7.47 7.68 -0.92
CA ASP A 31 -8.56 7.01 -1.61
C ASP A 31 -8.28 5.52 -1.65
N LEU A 32 -7.02 5.19 -1.89
CA LEU A 32 -6.59 3.80 -1.96
C LEU A 32 -6.74 3.12 -0.62
N GLY A 33 -6.33 3.79 0.41
CA GLY A 33 -6.41 3.20 1.71
C GLY A 33 -7.87 2.92 2.02
N ALA A 34 -8.70 3.89 1.70
CA ALA A 34 -10.13 3.76 1.90
C ALA A 34 -10.73 2.75 0.94
N SER A 35 -10.27 2.77 -0.31
CA SER A 35 -10.80 1.85 -1.32
C SER A 35 -10.54 0.41 -0.95
N ILE A 36 -9.32 0.15 -0.50
CA ILE A 36 -8.93 -1.18 -0.10
C ILE A 36 -9.68 -1.62 1.14
N LYS A 37 -9.86 -0.70 2.06
CA LYS A 37 -10.56 -1.08 3.27
C LYS A 37 -11.95 -1.55 2.87
N GLY A 38 -12.56 -0.82 1.93
CA GLY A 38 -13.87 -1.19 1.44
C GLY A 38 -13.80 -2.51 0.66
N PHE A 39 -12.70 -2.67 -0.08
CA PHE A 39 -12.51 -3.88 -0.88
C PHE A 39 -12.23 -5.07 0.00
N LYS A 40 -11.27 -4.90 0.91
CA LYS A 40 -10.91 -5.96 1.82
C LYS A 40 -12.08 -6.29 2.71
N LYS A 41 -12.82 -5.28 3.13
CA LYS A 41 -13.95 -5.51 4.00
C LYS A 41 -14.98 -6.39 3.30
N ALA A 42 -15.17 -6.16 2.01
CA ALA A 42 -16.12 -6.95 1.24
C ALA A 42 -15.63 -8.39 1.14
N MET A 43 -14.32 -8.53 1.03
CA MET A 43 -13.69 -9.85 0.92
C MET A 43 -13.38 -10.43 2.29
N SER A 44 -13.38 -9.57 3.30
CA SER A 44 -13.10 -10.01 4.66
C SER A 44 -14.11 -11.06 5.11
N ASP A 45 -13.69 -11.93 6.03
CA ASP A 45 -14.57 -12.99 6.52
C ASP A 45 -15.09 -13.83 5.37
N ASP A 46 -14.40 -14.95 5.10
CA ASP A 46 -14.80 -15.84 4.02
C ASP A 46 -16.04 -16.64 4.41
N GLU A 47 -16.92 -16.02 5.16
CA GLU A 47 -18.15 -16.67 5.59
C GLU A 47 -17.84 -18.04 6.20
N PRO A 48 -17.16 -18.05 7.31
CA PRO A 48 -16.78 -19.30 8.02
C PRO A 48 -17.95 -19.88 8.81
N MET A 1 13.05 -7.83 -9.31
CA MET A 1 12.07 -7.03 -8.53
C MET A 1 10.65 -7.51 -8.81
N GLY A 2 10.54 -8.69 -9.43
CA GLY A 2 9.23 -9.25 -9.76
C GLY A 2 8.80 -10.28 -8.72
N GLY A 3 9.45 -10.23 -7.56
CA GLY A 3 9.15 -11.15 -6.47
C GLY A 3 9.34 -10.42 -5.15
N ILE A 4 9.25 -9.10 -5.22
CA ILE A 4 9.43 -8.26 -4.05
C ILE A 4 8.68 -8.85 -2.87
N SER A 5 9.43 -9.09 -1.81
CA SER A 5 8.89 -9.62 -0.59
C SER A 5 8.63 -8.49 0.37
N ILE A 6 8.49 -8.85 1.62
CA ILE A 6 8.25 -7.90 2.66
C ILE A 6 9.48 -7.02 2.89
N TRP A 7 10.65 -7.64 2.91
CA TRP A 7 11.87 -6.88 3.10
C TRP A 7 12.16 -6.06 1.86
N GLN A 8 11.93 -6.66 0.70
CA GLN A 8 12.18 -5.96 -0.54
C GLN A 8 11.26 -4.76 -0.65
N LEU A 9 10.01 -4.93 -0.23
CA LEU A 9 9.05 -3.84 -0.27
C LEU A 9 9.34 -2.80 0.81
N LEU A 10 9.76 -3.25 1.97
CA LEU A 10 10.02 -2.34 3.09
C LEU A 10 11.15 -1.39 2.76
N ILE A 11 12.25 -1.92 2.25
CA ILE A 11 13.37 -1.07 1.90
C ILE A 11 12.95 -0.21 0.73
N ILE A 12 12.29 -0.82 -0.23
CA ILE A 12 11.86 -0.10 -1.40
C ILE A 12 10.82 0.97 -1.03
N ALA A 13 9.87 0.59 -0.20
CA ALA A 13 8.81 1.50 0.23
C ALA A 13 9.40 2.65 1.04
N VAL A 14 10.39 2.35 1.86
CA VAL A 14 10.99 3.39 2.66
C VAL A 14 11.72 4.39 1.78
N ILE A 15 12.51 3.89 0.84
CA ILE A 15 13.29 4.76 -0.04
C ILE A 15 12.38 5.58 -0.93
N VAL A 16 11.39 4.92 -1.47
CA VAL A 16 10.46 5.56 -2.35
C VAL A 16 9.71 6.62 -1.61
N VAL A 17 9.35 6.34 -0.39
CA VAL A 17 8.60 7.29 0.34
C VAL A 17 9.41 8.55 0.60
N LEU A 18 10.65 8.42 0.97
CA LEU A 18 11.43 9.60 1.26
C LEU A 18 11.58 10.51 0.02
N LEU A 19 11.87 9.89 -1.12
CA LEU A 19 12.05 10.62 -2.38
C LEU A 19 10.76 11.24 -2.90
N PHE A 20 9.66 10.52 -2.77
CA PHE A 20 8.39 11.03 -3.28
C PHE A 20 7.99 12.24 -2.46
N GLY A 21 8.37 12.22 -1.20
CA GLY A 21 8.05 13.33 -0.31
C GLY A 21 6.73 13.06 0.37
N THR A 22 6.18 11.88 0.07
CA THR A 22 4.93 11.47 0.68
C THR A 22 3.82 12.46 0.43
N LYS A 23 4.08 13.42 -0.43
CA LYS A 23 3.07 14.42 -0.74
C LYS A 23 1.96 13.83 -1.59
N LYS A 24 2.33 13.01 -2.57
CA LYS A 24 1.34 12.41 -3.45
C LYS A 24 0.77 11.11 -2.89
N LEU A 25 1.52 10.44 -2.02
CA LEU A 25 1.05 9.18 -1.43
C LEU A 25 -0.22 9.41 -0.70
N GLY A 26 -0.21 10.50 0.03
CA GLY A 26 -1.34 10.85 0.81
C GLY A 26 -2.45 11.35 -0.10
N SER A 27 -2.03 11.86 -1.26
CA SER A 27 -2.96 12.36 -2.24
C SER A 27 -3.64 11.23 -2.99
N ILE A 28 -2.87 10.22 -3.36
CA ILE A 28 -3.40 9.08 -4.09
C ILE A 28 -3.84 8.01 -3.11
N GLY A 29 -3.11 7.92 -2.01
CA GLY A 29 -3.39 6.94 -0.98
C GLY A 29 -4.80 7.15 -0.44
N SER A 30 -5.31 8.37 -0.57
CA SER A 30 -6.65 8.68 -0.08
C SER A 30 -7.73 7.89 -0.81
N ASP A 31 -7.60 7.80 -2.13
CA ASP A 31 -8.58 7.06 -2.92
C ASP A 31 -8.19 5.59 -2.95
N LEU A 32 -6.89 5.35 -3.01
CA LEU A 32 -6.38 4.01 -3.05
C LEU A 32 -6.52 3.31 -1.71
N GLY A 33 -6.13 3.99 -0.66
CA GLY A 33 -6.23 3.39 0.65
C GLY A 33 -7.67 3.07 0.97
N ALA A 34 -8.55 4.01 0.65
CA ALA A 34 -9.97 3.82 0.89
C ALA A 34 -10.56 2.77 -0.06
N SER A 35 -10.13 2.80 -1.31
CA SER A 35 -10.65 1.84 -2.28
C SER A 35 -10.30 0.42 -1.90
N ILE A 36 -9.06 0.25 -1.48
CA ILE A 36 -8.58 -1.06 -1.07
C ILE A 36 -9.28 -1.52 0.18
N LYS A 37 -9.50 -0.61 1.09
CA LYS A 37 -10.14 -1.01 2.32
C LYS A 37 -11.51 -1.59 1.98
N GLY A 38 -12.21 -0.94 1.07
CA GLY A 38 -13.51 -1.42 0.65
C GLY A 38 -13.37 -2.73 -0.12
N PHE A 39 -12.31 -2.83 -0.91
CA PHE A 39 -12.07 -4.03 -1.72
C PHE A 39 -11.64 -5.20 -0.86
N LYS A 40 -10.62 -4.99 -0.06
CA LYS A 40 -10.13 -6.06 0.79
C LYS A 40 -11.22 -6.47 1.78
N LYS A 41 -11.95 -5.48 2.29
CA LYS A 41 -12.99 -5.77 3.24
C LYS A 41 -14.05 -6.68 2.61
N ALA A 42 -14.32 -6.44 1.34
CA ALA A 42 -15.30 -7.25 0.63
C ALA A 42 -14.80 -8.69 0.47
N MET A 43 -13.49 -8.84 0.26
CA MET A 43 -12.89 -10.16 0.10
C MET A 43 -12.49 -10.74 1.46
N SER A 44 -12.53 -9.90 2.48
CA SER A 44 -12.16 -10.34 3.82
C SER A 44 -13.16 -11.37 4.34
N ASP A 45 -12.69 -12.26 5.22
CA ASP A 45 -13.55 -13.30 5.79
C ASP A 45 -13.34 -13.40 7.29
N ASP A 46 -14.45 -13.43 8.03
CA ASP A 46 -14.39 -13.52 9.50
C ASP A 46 -14.48 -14.97 9.94
N GLU A 47 -14.32 -15.87 8.98
CA GLU A 47 -14.38 -17.29 9.26
C GLU A 47 -15.72 -17.64 9.92
N PRO A 48 -16.78 -17.65 9.16
CA PRO A 48 -18.14 -17.98 9.67
C PRO A 48 -18.36 -19.48 9.78
N MET A 1 11.44 -7.74 -10.59
CA MET A 1 11.16 -8.85 -9.63
C MET A 1 12.29 -9.86 -9.72
N GLY A 2 13.48 -9.38 -10.07
CA GLY A 2 14.64 -10.24 -10.19
C GLY A 2 15.25 -10.53 -8.82
N GLY A 3 14.40 -10.57 -7.79
CA GLY A 3 14.86 -10.84 -6.43
C GLY A 3 14.24 -9.87 -5.44
N ILE A 4 13.12 -9.25 -5.84
CA ILE A 4 12.44 -8.29 -4.99
C ILE A 4 11.22 -8.93 -4.32
N SER A 5 11.39 -9.30 -3.05
CA SER A 5 10.32 -9.91 -2.28
C SER A 5 9.74 -8.90 -1.31
N ILE A 6 9.03 -9.39 -0.33
CA ILE A 6 8.39 -8.55 0.66
C ILE A 6 9.42 -7.76 1.44
N TRP A 7 10.46 -8.44 1.86
CA TRP A 7 11.52 -7.83 2.60
C TRP A 7 12.18 -6.77 1.73
N GLN A 8 12.39 -7.10 0.46
CA GLN A 8 13.00 -6.16 -0.46
C GLN A 8 12.09 -4.96 -0.64
N LEU A 9 10.80 -5.24 -0.70
CA LEU A 9 9.80 -4.19 -0.85
C LEU A 9 9.86 -3.22 0.31
N LEU A 10 10.12 -3.75 1.48
CA LEU A 10 10.15 -2.92 2.66
C LEU A 10 11.23 -1.84 2.55
N ILE A 11 12.43 -2.22 2.10
CA ILE A 11 13.48 -1.21 1.94
C ILE A 11 13.08 -0.25 0.84
N ILE A 12 12.59 -0.79 -0.27
CA ILE A 12 12.19 0.04 -1.39
C ILE A 12 10.99 0.93 -1.03
N ALA A 13 10.01 0.35 -0.37
CA ALA A 13 8.81 1.09 0.03
C ALA A 13 9.17 2.19 1.02
N VAL A 14 10.11 1.90 1.90
CA VAL A 14 10.52 2.89 2.87
C VAL A 14 11.22 4.05 2.19
N ILE A 15 12.11 3.78 1.27
CA ILE A 15 12.84 4.83 0.55
C ILE A 15 11.91 5.67 -0.29
N VAL A 16 11.01 4.99 -0.96
CA VAL A 16 10.06 5.64 -1.85
C VAL A 16 9.16 6.54 -1.08
N VAL A 17 8.78 6.13 0.08
CA VAL A 17 7.89 6.95 0.82
C VAL A 17 8.59 8.26 1.18
N LEU A 18 9.82 8.17 1.60
CA LEU A 18 10.57 9.38 1.93
C LEU A 18 10.74 10.19 0.66
N LEU A 19 11.06 9.49 -0.39
CA LEU A 19 11.33 10.10 -1.67
C LEU A 19 10.11 10.81 -2.23
N PHE A 20 8.97 10.15 -2.13
CA PHE A 20 7.74 10.74 -2.64
C PHE A 20 7.39 11.91 -1.75
N GLY A 21 7.71 11.77 -0.48
CA GLY A 21 7.45 12.83 0.48
C GLY A 21 6.18 12.53 1.21
N THR A 22 5.74 11.30 1.06
CA THR A 22 4.51 10.84 1.72
C THR A 22 3.31 11.68 1.36
N LYS A 23 3.45 12.47 0.32
CA LYS A 23 2.37 13.35 -0.11
C LYS A 23 1.57 12.72 -1.26
N LYS A 24 2.24 11.93 -2.09
CA LYS A 24 1.60 11.28 -3.22
C LYS A 24 0.66 10.15 -2.75
N LEU A 25 1.17 9.32 -1.85
CA LEU A 25 0.45 8.18 -1.30
C LEU A 25 -0.77 8.65 -0.59
N GLY A 26 -0.63 9.75 0.06
CA GLY A 26 -1.70 10.29 0.83
C GLY A 26 -2.76 10.85 -0.09
N SER A 27 -2.37 11.23 -1.30
CA SER A 27 -3.30 11.77 -2.27
C SER A 27 -4.00 10.67 -3.04
N ILE A 28 -3.25 9.63 -3.40
CA ILE A 28 -3.84 8.53 -4.15
C ILE A 28 -4.29 7.44 -3.20
N GLY A 29 -3.53 7.28 -2.11
CA GLY A 29 -3.84 6.27 -1.12
C GLY A 29 -5.19 6.55 -0.49
N SER A 30 -5.60 7.81 -0.52
CA SER A 30 -6.88 8.20 0.07
C SER A 30 -8.05 7.56 -0.66
N ASP A 31 -7.96 7.48 -1.98
CA ASP A 31 -9.03 6.88 -2.77
C ASP A 31 -8.80 5.39 -2.86
N LEU A 32 -7.53 5.01 -2.96
CA LEU A 32 -7.17 3.61 -3.05
C LEU A 32 -7.33 2.91 -1.71
N GLY A 33 -6.85 3.53 -0.67
CA GLY A 33 -6.96 2.91 0.63
C GLY A 33 -8.41 2.72 1.00
N ALA A 34 -9.20 3.75 0.76
CA ALA A 34 -10.62 3.70 1.06
C ALA A 34 -11.35 2.76 0.11
N SER A 35 -10.97 2.78 -1.16
CA SER A 35 -11.64 1.95 -2.14
C SER A 35 -11.43 0.47 -1.82
N ILE A 36 -10.22 0.13 -1.44
CA ILE A 36 -9.89 -1.22 -1.06
C ILE A 36 -10.59 -1.60 0.21
N LYS A 37 -10.64 -0.66 1.14
CA LYS A 37 -11.28 -0.96 2.39
C LYS A 37 -12.72 -1.35 2.13
N GLY A 38 -13.40 -0.59 1.29
CA GLY A 38 -14.77 -0.90 0.97
C GLY A 38 -14.85 -2.20 0.17
N PHE A 39 -13.88 -2.41 -0.71
CA PHE A 39 -13.85 -3.61 -1.55
C PHE A 39 -13.51 -4.84 -0.73
N LYS A 40 -12.42 -4.78 0.00
CA LYS A 40 -12.01 -5.91 0.80
C LYS A 40 -13.06 -6.22 1.85
N LYS A 41 -13.67 -5.18 2.40
CA LYS A 41 -14.67 -5.36 3.43
C LYS A 41 -15.86 -6.14 2.88
N ALA A 42 -16.18 -5.91 1.62
CA ALA A 42 -17.29 -6.61 1.00
C ALA A 42 -16.95 -8.10 0.88
N MET A 43 -15.68 -8.40 0.62
CA MET A 43 -15.26 -9.80 0.49
C MET A 43 -14.85 -10.36 1.84
N SER A 44 -13.77 -9.82 2.42
CA SER A 44 -13.29 -10.28 3.72
C SER A 44 -13.07 -11.78 3.70
N ASP A 45 -12.34 -12.30 4.69
CA ASP A 45 -12.07 -13.73 4.78
C ASP A 45 -12.08 -14.21 6.21
N ASP A 46 -11.36 -13.50 7.07
CA ASP A 46 -11.29 -13.85 8.49
C ASP A 46 -12.41 -13.17 9.25
N GLU A 47 -13.37 -12.65 8.51
CA GLU A 47 -14.51 -11.96 9.11
C GLU A 47 -14.06 -11.10 10.29
N PRO A 48 -13.46 -9.96 10.01
CA PRO A 48 -12.96 -9.03 11.06
C PRO A 48 -14.02 -8.73 12.12
N MET A 1 12.24 -5.71 -9.82
CA MET A 1 12.98 -5.53 -8.54
C MET A 1 12.09 -4.86 -7.52
N GLY A 2 10.79 -5.11 -7.63
CA GLY A 2 9.82 -4.53 -6.69
C GLY A 2 9.10 -5.62 -5.90
N GLY A 3 9.47 -6.87 -6.13
CA GLY A 3 8.86 -8.00 -5.44
C GLY A 3 9.91 -9.01 -4.99
N ILE A 4 11.14 -8.54 -4.84
CA ILE A 4 12.25 -9.39 -4.42
C ILE A 4 12.02 -9.93 -3.03
N SER A 5 11.66 -9.05 -2.12
CA SER A 5 11.38 -9.46 -0.76
C SER A 5 10.93 -8.27 0.04
N ILE A 6 10.53 -8.57 1.24
CA ILE A 6 10.04 -7.56 2.17
C ILE A 6 11.13 -6.57 2.52
N TRP A 7 12.29 -7.08 2.88
CA TRP A 7 13.41 -6.25 3.23
C TRP A 7 13.81 -5.42 2.01
N GLN A 8 13.75 -6.04 0.85
CA GLN A 8 14.08 -5.35 -0.38
C GLN A 8 13.07 -4.24 -0.61
N LEU A 9 11.83 -4.54 -0.30
CA LEU A 9 10.75 -3.57 -0.44
C LEU A 9 11.00 -2.37 0.45
N LEU A 10 11.52 -2.65 1.62
CA LEU A 10 11.74 -1.60 2.58
C LEU A 10 12.73 -0.58 2.03
N ILE A 11 13.79 -1.04 1.41
CA ILE A 11 14.75 -0.12 0.82
C ILE A 11 14.10 0.61 -0.33
N ILE A 12 13.40 -0.13 -1.17
CA ILE A 12 12.75 0.46 -2.32
C ILE A 12 11.64 1.42 -1.88
N ALA A 13 10.81 0.96 -0.95
CA ALA A 13 9.70 1.78 -0.44
C ALA A 13 10.23 3.00 0.29
N VAL A 14 11.32 2.82 1.02
CA VAL A 14 11.88 3.94 1.75
C VAL A 14 12.43 4.99 0.79
N ILE A 15 13.15 4.55 -0.24
CA ILE A 15 13.73 5.49 -1.20
C ILE A 15 12.64 6.20 -1.98
N VAL A 16 11.66 5.44 -2.37
CA VAL A 16 10.58 5.97 -3.16
C VAL A 16 9.83 6.98 -2.35
N VAL A 17 9.68 6.74 -1.09
CA VAL A 17 8.93 7.66 -0.31
C VAL A 17 9.66 9.00 -0.20
N LEU A 18 10.95 8.99 0.01
CA LEU A 18 11.68 10.25 0.14
C LEU A 18 11.60 11.10 -1.13
N LEU A 19 11.82 10.46 -2.26
CA LEU A 19 11.79 11.15 -3.55
C LEU A 19 10.40 11.62 -3.94
N PHE A 20 9.38 10.81 -3.65
CA PHE A 20 8.03 11.18 -4.03
C PHE A 20 7.61 12.39 -3.22
N GLY A 21 8.03 12.43 -1.98
CA GLY A 21 7.72 13.55 -1.10
C GLY A 21 6.59 13.19 -0.17
N THR A 22 6.22 11.93 -0.22
CA THR A 22 5.16 11.45 0.65
C THR A 22 3.88 12.22 0.47
N LYS A 23 3.76 12.92 -0.65
CA LYS A 23 2.56 13.71 -0.91
C LYS A 23 1.52 12.91 -1.67
N LYS A 24 1.98 11.90 -2.41
CA LYS A 24 1.10 11.05 -3.19
C LYS A 24 0.53 9.93 -2.35
N LEU A 25 1.40 9.12 -1.81
CA LEU A 25 1.01 7.99 -0.99
C LEU A 25 -0.09 8.40 -0.07
N GLY A 26 0.07 9.59 0.43
CA GLY A 26 -0.87 10.12 1.36
C GLY A 26 -2.17 10.53 0.68
N SER A 27 -2.06 10.82 -0.62
CA SER A 27 -3.20 11.24 -1.42
C SER A 27 -3.78 10.11 -2.25
N ILE A 28 -2.92 9.24 -2.75
CA ILE A 28 -3.36 8.13 -3.56
C ILE A 28 -3.59 6.91 -2.68
N GLY A 29 -2.74 6.77 -1.68
CA GLY A 29 -2.84 5.65 -0.76
C GLY A 29 -4.17 5.68 -0.02
N SER A 30 -4.73 6.88 0.13
CA SER A 30 -5.99 7.02 0.84
C SER A 30 -7.12 6.31 0.12
N ASP A 31 -7.14 6.41 -1.20
CA ASP A 31 -8.18 5.76 -1.97
C ASP A 31 -7.89 4.27 -2.05
N LEU A 32 -6.62 3.97 -2.27
CA LEU A 32 -6.19 2.58 -2.37
C LEU A 32 -6.33 1.85 -1.04
N GLY A 33 -5.93 2.50 0.02
CA GLY A 33 -6.02 1.86 1.30
C GLY A 33 -7.47 1.58 1.64
N ALA A 34 -8.32 2.57 1.39
CA ALA A 34 -9.74 2.43 1.65
C ALA A 34 -10.39 1.50 0.64
N SER A 35 -9.99 1.60 -0.63
CA SER A 35 -10.58 0.78 -1.67
C SER A 35 -10.30 -0.69 -1.42
N ILE A 36 -9.08 -0.97 -0.98
CA ILE A 36 -8.69 -2.33 -0.68
C ILE A 36 -9.41 -2.81 0.55
N LYS A 37 -9.55 -1.93 1.51
CA LYS A 37 -10.19 -2.32 2.73
C LYS A 37 -11.60 -2.79 2.41
N GLY A 38 -12.29 -2.03 1.57
CA GLY A 38 -13.63 -2.40 1.18
C GLY A 38 -13.61 -3.69 0.38
N PHE A 39 -12.56 -3.87 -0.44
CA PHE A 39 -12.44 -5.06 -1.28
C PHE A 39 -12.12 -6.28 -0.45
N LYS A 40 -11.07 -6.22 0.33
CA LYS A 40 -10.71 -7.36 1.16
C LYS A 40 -11.79 -7.63 2.18
N LYS A 41 -12.34 -6.54 2.74
CA LYS A 41 -13.38 -6.68 3.73
C LYS A 41 -14.61 -7.34 3.14
N ALA A 42 -14.90 -7.02 1.88
CA ALA A 42 -16.05 -7.59 1.21
C ALA A 42 -15.85 -9.09 1.00
N MET A 43 -14.60 -9.49 0.73
CA MET A 43 -14.30 -10.90 0.51
C MET A 43 -13.93 -11.58 1.83
N SER A 44 -13.73 -10.80 2.87
CA SER A 44 -13.35 -11.34 4.17
C SER A 44 -14.45 -12.27 4.68
N ASP A 45 -15.70 -11.92 4.38
CA ASP A 45 -16.83 -12.72 4.81
C ASP A 45 -16.80 -12.93 6.32
N ASP A 46 -17.15 -11.89 7.06
CA ASP A 46 -17.16 -11.96 8.51
C ASP A 46 -18.31 -12.84 9.00
N GLU A 47 -18.53 -13.94 8.29
CA GLU A 47 -19.60 -14.88 8.64
C GLU A 47 -20.96 -14.17 8.68
N PRO A 48 -22.03 -14.88 8.40
CA PRO A 48 -23.40 -14.29 8.41
C PRO A 48 -23.57 -13.24 9.50
N MET A 1 5.81 -9.96 -8.06
CA MET A 1 6.61 -8.93 -7.34
C MET A 1 5.68 -8.08 -6.48
N GLY A 2 6.24 -7.08 -5.82
CA GLY A 2 5.46 -6.20 -4.97
C GLY A 2 4.95 -6.93 -3.73
N GLY A 3 5.10 -8.25 -3.74
CA GLY A 3 4.65 -9.08 -2.62
C GLY A 3 5.66 -10.17 -2.30
N ILE A 4 6.93 -9.88 -2.59
CA ILE A 4 8.00 -10.84 -2.33
C ILE A 4 8.12 -11.10 -0.85
N SER A 5 8.07 -10.04 -0.08
CA SER A 5 8.17 -10.16 1.35
C SER A 5 8.07 -8.81 2.01
N ILE A 6 7.93 -8.87 3.30
CA ILE A 6 7.86 -7.68 4.12
C ILE A 6 9.20 -6.92 4.02
N TRP A 7 10.29 -7.64 4.11
CA TRP A 7 11.60 -7.00 4.03
C TRP A 7 11.77 -6.34 2.67
N GLN A 8 11.44 -7.07 1.61
CA GLN A 8 11.59 -6.54 0.27
C GLN A 8 10.66 -5.36 0.08
N LEU A 9 9.45 -5.46 0.63
CA LEU A 9 8.50 -4.37 0.53
C LEU A 9 8.95 -3.19 1.40
N LEU A 10 9.52 -3.48 2.55
CA LEU A 10 9.93 -2.42 3.48
C LEU A 10 11.01 -1.55 2.85
N ILE A 11 12.00 -2.18 2.27
CA ILE A 11 13.05 -1.42 1.61
C ILE A 11 12.46 -0.69 0.43
N ILE A 12 11.65 -1.38 -0.32
CA ILE A 12 11.05 -0.79 -1.49
C ILE A 12 10.14 0.38 -1.11
N ALA A 13 9.33 0.18 -0.09
CA ALA A 13 8.42 1.23 0.37
C ALA A 13 9.19 2.42 0.87
N VAL A 14 10.31 2.18 1.53
CA VAL A 14 11.09 3.30 2.04
C VAL A 14 11.70 4.09 0.89
N ILE A 15 12.23 3.40 -0.10
CA ILE A 15 12.85 4.05 -1.27
C ILE A 15 11.83 4.78 -2.09
N VAL A 16 10.69 4.14 -2.28
CA VAL A 16 9.64 4.72 -3.06
C VAL A 16 9.14 5.95 -2.39
N VAL A 17 9.06 5.92 -1.09
CA VAL A 17 8.55 7.05 -0.41
C VAL A 17 9.46 8.27 -0.58
N LEU A 18 10.76 8.09 -0.46
CA LEU A 18 11.64 9.24 -0.60
C LEU A 18 11.54 9.87 -1.99
N LEU A 19 11.55 9.03 -3.02
CA LEU A 19 11.49 9.51 -4.40
C LEU A 19 10.14 10.14 -4.74
N PHE A 20 9.06 9.57 -4.23
CA PHE A 20 7.74 10.11 -4.52
C PHE A 20 7.62 11.47 -3.87
N GLY A 21 8.30 11.62 -2.76
CA GLY A 21 8.28 12.89 -2.04
C GLY A 21 7.15 12.89 -1.06
N THR A 22 6.54 11.74 -0.92
CA THR A 22 5.44 11.57 0.03
C THR A 22 4.31 12.53 -0.24
N LYS A 23 4.32 13.14 -1.41
CA LYS A 23 3.27 14.07 -1.77
C LYS A 23 2.06 13.30 -2.30
N LYS A 24 2.34 12.33 -3.15
CA LYS A 24 1.30 11.50 -3.74
C LYS A 24 0.63 10.61 -2.71
N LEU A 25 1.42 10.00 -1.86
CA LEU A 25 0.89 9.10 -0.85
C LEU A 25 -0.12 9.80 0.01
N GLY A 26 0.16 11.04 0.26
CA GLY A 26 -0.68 11.80 1.11
C GLY A 26 -1.99 12.15 0.41
N SER A 27 -1.95 12.17 -0.92
CA SER A 27 -3.14 12.48 -1.72
C SER A 27 -3.76 11.25 -2.29
N ILE A 28 -2.94 10.28 -2.61
CA ILE A 28 -3.39 9.04 -3.19
C ILE A 28 -3.66 8.05 -2.08
N GLY A 29 -2.79 8.03 -1.11
CA GLY A 29 -2.95 7.09 -0.01
C GLY A 29 -4.33 7.25 0.58
N SER A 30 -4.83 8.47 0.57
CA SER A 30 -6.16 8.73 1.10
C SER A 30 -7.23 8.02 0.29
N ASP A 31 -7.11 8.11 -1.02
CA ASP A 31 -8.08 7.47 -1.90
C ASP A 31 -7.82 5.97 -1.93
N LEU A 32 -6.55 5.65 -2.06
CA LEU A 32 -6.13 4.25 -2.14
C LEU A 32 -6.35 3.54 -0.82
N GLY A 33 -6.00 4.19 0.27
CA GLY A 33 -6.18 3.54 1.55
C GLY A 33 -7.65 3.27 1.79
N ALA A 34 -8.48 4.27 1.47
CA ALA A 34 -9.91 4.14 1.62
C ALA A 34 -10.50 3.19 0.60
N SER A 35 -10.01 3.26 -0.63
CA SER A 35 -10.53 2.40 -1.70
C SER A 35 -10.27 0.94 -1.39
N ILE A 36 -9.09 0.66 -0.90
CA ILE A 36 -8.70 -0.70 -0.58
C ILE A 36 -9.47 -1.19 0.61
N LYS A 37 -9.65 -0.33 1.59
CA LYS A 37 -10.37 -0.77 2.76
C LYS A 37 -11.77 -1.18 2.31
N GLY A 38 -12.35 -0.39 1.42
CA GLY A 38 -13.66 -0.69 0.88
C GLY A 38 -13.62 -1.96 0.04
N PHE A 39 -12.50 -2.14 -0.68
CA PHE A 39 -12.36 -3.31 -1.53
C PHE A 39 -12.16 -4.55 -0.68
N LYS A 40 -11.20 -4.48 0.22
CA LYS A 40 -10.94 -5.60 1.10
C LYS A 40 -12.13 -5.87 2.00
N LYS A 41 -12.77 -4.80 2.46
CA LYS A 41 -13.91 -4.96 3.32
C LYS A 41 -15.02 -5.70 2.58
N ALA A 42 -15.15 -5.42 1.29
CA ALA A 42 -16.18 -6.07 0.49
C ALA A 42 -15.90 -7.56 0.36
N MET A 43 -14.62 -7.93 0.25
CA MET A 43 -14.25 -9.33 0.13
C MET A 43 -13.79 -9.89 1.46
N SER A 44 -12.66 -9.39 1.94
CA SER A 44 -12.08 -9.82 3.21
C SER A 44 -12.22 -11.35 3.36
N ASP A 45 -11.99 -11.84 4.57
CA ASP A 45 -12.10 -13.28 4.82
C ASP A 45 -11.23 -14.07 3.85
N ASP A 46 -10.10 -13.48 3.46
CA ASP A 46 -9.18 -14.13 2.52
C ASP A 46 -8.00 -14.75 3.27
N GLU A 47 -8.30 -15.38 4.40
CA GLU A 47 -7.25 -16.01 5.21
C GLU A 47 -7.88 -17.01 6.19
N PRO A 48 -8.31 -18.13 5.69
CA PRO A 48 -8.94 -19.20 6.53
C PRO A 48 -8.09 -19.53 7.76
N MET A 1 10.52 -11.08 -8.90
CA MET A 1 10.59 -12.29 -8.03
C MET A 1 12.02 -12.79 -8.01
N GLY A 2 12.25 -13.87 -7.26
CA GLY A 2 13.59 -14.44 -7.16
C GLY A 2 14.42 -13.73 -6.11
N GLY A 3 13.75 -13.15 -5.12
CA GLY A 3 14.43 -12.45 -4.04
C GLY A 3 13.70 -11.17 -3.66
N ILE A 4 12.75 -10.79 -4.51
CA ILE A 4 11.96 -9.57 -4.27
C ILE A 4 10.59 -9.92 -3.70
N SER A 5 10.35 -9.46 -2.48
CA SER A 5 9.07 -9.70 -1.81
C SER A 5 8.68 -8.51 -0.93
N ILE A 6 9.15 -8.52 0.33
CA ILE A 6 8.83 -7.45 1.27
C ILE A 6 10.10 -6.62 1.58
N TRP A 7 11.25 -7.29 1.61
CA TRP A 7 12.51 -6.61 1.90
C TRP A 7 12.80 -5.57 0.83
N GLN A 8 12.70 -5.96 -0.42
CA GLN A 8 12.95 -5.03 -1.50
C GLN A 8 11.91 -3.92 -1.47
N LEU A 9 10.69 -4.30 -1.18
CA LEU A 9 9.60 -3.34 -1.12
C LEU A 9 9.83 -2.32 -0.01
N LEU A 10 10.34 -2.79 1.10
CA LEU A 10 10.57 -1.93 2.25
C LEU A 10 11.59 -0.86 1.92
N ILE A 11 12.74 -1.26 1.42
CA ILE A 11 13.77 -0.31 1.05
C ILE A 11 13.25 0.54 -0.10
N ILE A 12 12.64 -0.10 -1.08
CA ILE A 12 12.13 0.63 -2.21
C ILE A 12 11.03 1.59 -1.79
N ALA A 13 10.11 1.12 -0.97
CA ALA A 13 9.01 1.95 -0.51
C ALA A 13 9.52 3.09 0.34
N VAL A 14 10.52 2.83 1.15
CA VAL A 14 11.06 3.87 2.00
C VAL A 14 11.74 4.95 1.17
N ILE A 15 12.51 4.55 0.18
CA ILE A 15 13.23 5.52 -0.67
C ILE A 15 12.25 6.34 -1.47
N VAL A 16 11.26 5.66 -1.99
CA VAL A 16 10.25 6.31 -2.80
C VAL A 16 9.49 7.29 -1.99
N VAL A 17 9.21 6.97 -0.78
CA VAL A 17 8.45 7.87 0.01
C VAL A 17 9.20 9.18 0.22
N LEU A 18 10.49 9.11 0.52
CA LEU A 18 11.25 10.34 0.77
C LEU A 18 11.26 11.28 -0.45
N LEU A 19 11.53 10.71 -1.62
CA LEU A 19 11.59 11.48 -2.86
C LEU A 19 10.23 11.98 -3.31
N PHE A 20 9.19 11.17 -3.11
CA PHE A 20 7.85 11.55 -3.54
C PHE A 20 7.35 12.72 -2.70
N GLY A 21 7.72 12.72 -1.43
CA GLY A 21 7.35 13.80 -0.54
C GLY A 21 6.21 13.39 0.35
N THR A 22 5.91 12.11 0.33
CA THR A 22 4.84 11.57 1.16
C THR A 22 3.54 12.26 0.91
N LYS A 23 3.57 13.24 0.03
CA LYS A 23 2.38 13.98 -0.28
C LYS A 23 1.55 13.27 -1.34
N LYS A 24 2.22 12.63 -2.29
CA LYS A 24 1.51 11.93 -3.33
C LYS A 24 0.71 10.78 -2.74
N LEU A 25 1.37 10.00 -1.91
CA LEU A 25 0.74 8.83 -1.29
C LEU A 25 -0.43 9.25 -0.49
N GLY A 26 -0.27 10.36 0.17
CA GLY A 26 -1.30 10.84 1.02
C GLY A 26 -2.46 11.40 0.20
N SER A 27 -2.15 11.82 -1.02
CA SER A 27 -3.17 12.36 -1.91
C SER A 27 -3.92 11.25 -2.62
N ILE A 28 -3.19 10.25 -3.07
CA ILE A 28 -3.81 9.13 -3.78
C ILE A 28 -4.17 8.04 -2.79
N GLY A 29 -3.33 7.88 -1.77
CA GLY A 29 -3.55 6.87 -0.76
C GLY A 29 -4.85 7.12 -0.03
N SER A 30 -5.31 8.36 -0.05
CA SER A 30 -6.54 8.72 0.63
C SER A 30 -7.74 8.03 0.02
N ASP A 31 -7.79 7.99 -1.30
CA ASP A 31 -8.89 7.36 -1.99
C ASP A 31 -8.62 5.87 -2.10
N LEU A 32 -7.36 5.54 -2.33
CA LEU A 32 -6.97 4.15 -2.45
C LEU A 32 -7.02 3.44 -1.11
N GLY A 33 -6.50 4.09 -0.10
CA GLY A 33 -6.50 3.47 1.21
C GLY A 33 -7.92 3.22 1.67
N ALA A 34 -8.78 4.20 1.46
CA ALA A 34 -10.16 4.08 1.85
C ALA A 34 -10.89 3.09 0.96
N SER A 35 -10.59 3.13 -0.34
CA SER A 35 -11.27 2.24 -1.27
C SER A 35 -10.94 0.78 -0.98
N ILE A 36 -9.68 0.53 -0.68
CA ILE A 36 -9.22 -0.81 -0.38
C ILE A 36 -9.78 -1.30 0.92
N LYS A 37 -9.86 -0.42 1.89
CA LYS A 37 -10.36 -0.84 3.17
C LYS A 37 -11.78 -1.37 2.96
N GLY A 38 -12.52 -0.67 2.12
CA GLY A 38 -13.87 -1.08 1.82
C GLY A 38 -13.87 -2.39 1.05
N PHE A 39 -12.88 -2.55 0.17
CA PHE A 39 -12.78 -3.75 -0.63
C PHE A 39 -12.36 -4.92 0.24
N LYS A 40 -11.30 -4.70 1.01
CA LYS A 40 -10.82 -5.74 1.91
C LYS A 40 -11.88 -6.06 2.95
N LYS A 41 -12.57 -5.05 3.43
CA LYS A 41 -13.58 -5.27 4.43
C LYS A 41 -14.67 -6.19 3.89
N ALA A 42 -14.99 -6.01 2.62
CA ALA A 42 -16.00 -6.83 1.99
C ALA A 42 -15.53 -8.29 1.89
N MET A 43 -14.24 -8.46 1.64
CA MET A 43 -13.65 -9.79 1.53
C MET A 43 -13.09 -10.26 2.87
N SER A 44 -13.03 -9.35 3.83
CA SER A 44 -12.49 -9.68 5.15
C SER A 44 -13.26 -10.85 5.74
N ASP A 45 -14.58 -10.85 5.56
CA ASP A 45 -15.41 -11.92 6.07
C ASP A 45 -15.27 -13.18 5.21
N ASP A 46 -14.17 -13.91 5.43
CA ASP A 46 -13.90 -15.13 4.66
C ASP A 46 -14.24 -16.36 5.50
N GLU A 47 -15.33 -16.27 6.27
CA GLU A 47 -15.77 -17.37 7.12
C GLU A 47 -17.28 -17.37 7.26
N PRO A 48 -17.99 -17.50 6.17
CA PRO A 48 -19.48 -17.51 6.17
C PRO A 48 -20.04 -18.82 6.72
N MET A 1 16.85 -8.57 -7.72
CA MET A 1 15.50 -8.15 -7.23
C MET A 1 14.43 -8.74 -8.15
N GLY A 2 14.13 -10.03 -7.97
CA GLY A 2 13.12 -10.71 -8.78
C GLY A 2 11.93 -11.15 -7.93
N GLY A 3 12.13 -11.17 -6.61
CA GLY A 3 11.08 -11.56 -5.69
C GLY A 3 10.61 -10.39 -4.86
N ILE A 4 11.56 -9.61 -4.37
CA ILE A 4 11.24 -8.44 -3.59
C ILE A 4 10.35 -8.80 -2.41
N SER A 5 10.99 -8.98 -1.24
CA SER A 5 10.25 -9.31 -0.03
C SER A 5 9.92 -8.03 0.72
N ILE A 6 9.44 -8.20 1.93
CA ILE A 6 9.04 -7.09 2.76
C ILE A 6 10.22 -6.16 3.02
N TRP A 7 11.33 -6.76 3.38
CA TRP A 7 12.54 -6.03 3.64
C TRP A 7 12.97 -5.33 2.36
N GLN A 8 12.80 -6.00 1.22
CA GLN A 8 13.15 -5.42 -0.05
C GLN A 8 12.25 -4.22 -0.31
N LEU A 9 11.00 -4.38 0.03
CA LEU A 9 10.03 -3.31 -0.12
C LEU A 9 10.42 -2.10 0.71
N LEU A 10 10.95 -2.37 1.88
CA LEU A 10 11.28 -1.29 2.79
C LEU A 10 12.34 -0.39 2.16
N ILE A 11 13.34 -0.97 1.54
CA ILE A 11 14.36 -0.16 0.88
C ILE A 11 13.74 0.55 -0.32
N ILE A 12 12.98 -0.19 -1.12
CA ILE A 12 12.34 0.36 -2.30
C ILE A 12 11.29 1.42 -1.91
N ALA A 13 10.49 1.11 -0.91
CA ALA A 13 9.45 2.02 -0.44
C ALA A 13 10.08 3.29 0.14
N VAL A 14 11.20 3.15 0.80
CA VAL A 14 11.84 4.31 1.40
C VAL A 14 12.35 5.27 0.33
N ILE A 15 13.01 4.76 -0.68
CA ILE A 15 13.52 5.62 -1.74
C ILE A 15 12.39 6.25 -2.53
N VAL A 16 11.37 5.47 -2.81
CA VAL A 16 10.23 5.96 -3.57
C VAL A 16 9.54 7.04 -2.80
N VAL A 17 9.45 6.88 -1.51
CA VAL A 17 8.77 7.87 -0.75
C VAL A 17 9.51 9.22 -0.79
N LEU A 18 10.82 9.21 -0.63
CA LEU A 18 11.56 10.46 -0.64
C LEU A 18 11.43 11.20 -1.97
N LEU A 19 11.59 10.46 -3.06
CA LEU A 19 11.51 11.04 -4.40
C LEU A 19 10.10 11.49 -4.76
N PHE A 20 9.09 10.72 -4.36
CA PHE A 20 7.73 11.08 -4.71
C PHE A 20 7.36 12.36 -3.99
N GLY A 21 7.82 12.49 -2.76
CA GLY A 21 7.56 13.69 -1.97
C GLY A 21 6.49 13.42 -0.96
N THR A 22 6.09 12.18 -0.90
CA THR A 22 5.06 11.77 0.06
C THR A 22 3.78 12.54 -0.12
N LYS A 23 3.60 13.14 -1.28
CA LYS A 23 2.40 13.92 -1.55
C LYS A 23 1.32 13.07 -2.22
N LYS A 24 1.74 11.96 -2.83
CA LYS A 24 0.82 11.07 -3.51
C LYS A 24 0.28 10.02 -2.56
N LEU A 25 1.19 9.24 -2.01
CA LEU A 25 0.82 8.18 -1.09
C LEU A 25 -0.23 8.66 -0.14
N GLY A 26 -0.04 9.88 0.25
CA GLY A 26 -0.92 10.50 1.19
C GLY A 26 -2.24 10.88 0.53
N SER A 27 -2.19 11.09 -0.77
CA SER A 27 -3.37 11.48 -1.56
C SER A 27 -4.00 10.30 -2.27
N ILE A 28 -3.18 9.35 -2.72
CA ILE A 28 -3.66 8.20 -3.43
C ILE A 28 -3.88 7.05 -2.46
N GLY A 29 -3.00 6.97 -1.48
CA GLY A 29 -3.08 5.93 -0.47
C GLY A 29 -4.35 6.08 0.36
N SER A 30 -4.85 7.31 0.46
CA SER A 30 -6.05 7.55 1.25
C SER A 30 -7.27 6.87 0.65
N ASP A 31 -7.39 6.91 -0.67
CA ASP A 31 -8.50 6.28 -1.34
C ASP A 31 -8.26 4.79 -1.42
N LEU A 32 -7.02 4.44 -1.72
CA LEU A 32 -6.63 3.05 -1.84
C LEU A 32 -6.66 2.35 -0.49
N GLY A 33 -6.11 2.98 0.51
CA GLY A 33 -6.09 2.37 1.82
C GLY A 33 -7.51 2.19 2.31
N ALA A 34 -8.31 3.23 2.13
CA ALA A 34 -9.70 3.19 2.53
C ALA A 34 -10.50 2.24 1.66
N SER A 35 -10.24 2.25 0.36
CA SER A 35 -10.98 1.40 -0.56
C SER A 35 -10.74 -0.07 -0.25
N ILE A 36 -9.50 -0.40 0.05
CA ILE A 36 -9.13 -1.77 0.36
C ILE A 36 -9.71 -2.20 1.69
N LYS A 37 -9.68 -1.32 2.65
CA LYS A 37 -10.21 -1.67 3.94
C LYS A 37 -11.69 -2.01 3.75
N GLY A 38 -12.37 -1.20 2.96
CA GLY A 38 -13.78 -1.41 2.67
C GLY A 38 -13.96 -2.70 1.85
N PHE A 39 -13.02 -2.94 0.95
CA PHE A 39 -13.10 -4.13 0.11
C PHE A 39 -12.81 -5.37 0.92
N LYS A 40 -11.71 -5.35 1.64
CA LYS A 40 -11.36 -6.49 2.46
C LYS A 40 -12.39 -6.70 3.54
N LYS A 41 -12.89 -5.61 4.11
CA LYS A 41 -13.88 -5.75 5.15
C LYS A 41 -15.11 -6.44 4.61
N ALA A 42 -15.46 -6.12 3.38
CA ALA A 42 -16.64 -6.70 2.76
C ALA A 42 -16.45 -8.21 2.57
N MET A 43 -15.22 -8.60 2.23
CA MET A 43 -14.90 -10.01 2.01
C MET A 43 -14.22 -10.60 3.24
N SER A 44 -12.98 -10.16 3.47
CA SER A 44 -12.17 -10.63 4.61
C SER A 44 -12.56 -12.05 5.02
N ASP A 45 -13.55 -12.15 5.90
CA ASP A 45 -14.05 -13.46 6.37
C ASP A 45 -15.57 -13.47 6.34
N ASP A 46 -16.16 -14.55 6.82
CA ASP A 46 -17.61 -14.67 6.83
C ASP A 46 -18.18 -14.59 5.42
N GLU A 47 -17.47 -15.21 4.46
CA GLU A 47 -17.90 -15.22 3.06
C GLU A 47 -19.43 -15.19 2.95
N PRO A 48 -20.03 -14.04 2.77
CA PRO A 48 -21.52 -13.93 2.67
C PRO A 48 -22.12 -14.95 1.69
N MET A 1 6.04 -4.92 -6.67
CA MET A 1 6.37 -6.24 -6.07
C MET A 1 7.26 -7.02 -7.03
N GLY A 2 6.80 -8.19 -7.46
CA GLY A 2 7.57 -9.04 -8.39
C GLY A 2 7.96 -10.36 -7.74
N GLY A 3 7.50 -10.59 -6.51
CA GLY A 3 7.79 -11.83 -5.80
C GLY A 3 9.01 -11.65 -4.89
N ILE A 4 9.45 -10.42 -4.76
CA ILE A 4 10.61 -10.10 -3.93
C ILE A 4 10.35 -10.54 -2.48
N SER A 5 10.27 -9.58 -1.56
CA SER A 5 10.06 -9.87 -0.16
C SER A 5 9.47 -8.65 0.51
N ILE A 6 9.51 -8.64 1.83
CA ILE A 6 8.98 -7.54 2.61
C ILE A 6 10.07 -6.54 3.01
N TRP A 7 11.18 -7.07 3.49
CA TRP A 7 12.30 -6.24 3.90
C TRP A 7 12.81 -5.47 2.68
N GLN A 8 12.80 -6.10 1.53
CA GLN A 8 13.26 -5.46 0.31
C GLN A 8 12.37 -4.27 -0.01
N LEU A 9 11.09 -4.47 0.21
CA LEU A 9 10.10 -3.43 0.00
C LEU A 9 10.35 -2.26 0.90
N LEU A 10 10.75 -2.56 2.12
CA LEU A 10 10.96 -1.52 3.09
C LEU A 10 12.06 -0.57 2.62
N ILE A 11 13.14 -1.11 2.09
CA ILE A 11 14.20 -0.26 1.60
C ILE A 11 13.70 0.51 0.39
N ILE A 12 13.04 -0.20 -0.51
CA ILE A 12 12.52 0.43 -1.71
C ILE A 12 11.45 1.45 -1.38
N ALA A 13 10.50 1.04 -0.54
CA ALA A 13 9.41 1.92 -0.14
C ALA A 13 9.93 3.11 0.64
N VAL A 14 10.94 2.88 1.46
CA VAL A 14 11.50 3.98 2.23
C VAL A 14 12.21 4.97 1.33
N ILE A 15 12.98 4.49 0.39
CA ILE A 15 13.72 5.37 -0.53
C ILE A 15 12.76 6.14 -1.39
N VAL A 16 11.75 5.46 -1.87
CA VAL A 16 10.78 6.06 -2.74
C VAL A 16 10.04 7.14 -2.00
N VAL A 17 9.74 6.91 -0.77
CA VAL A 17 9.00 7.89 -0.07
C VAL A 17 9.78 9.20 0.06
N LEU A 18 11.06 9.11 0.37
CA LEU A 18 11.85 10.33 0.54
C LEU A 18 11.92 11.15 -0.74
N LEU A 19 12.21 10.49 -1.84
CA LEU A 19 12.33 11.17 -3.13
C LEU A 19 10.98 11.69 -3.61
N PHE A 20 9.92 10.92 -3.37
CA PHE A 20 8.58 11.31 -3.83
C PHE A 20 8.12 12.52 -3.04
N GLY A 21 8.54 12.61 -1.81
CA GLY A 21 8.17 13.76 -0.99
C GLY A 21 6.95 13.47 -0.17
N THR A 22 6.51 12.24 -0.24
CA THR A 22 5.34 11.81 0.52
C THR A 22 4.11 12.62 0.19
N LYS A 23 4.08 13.16 -1.02
CA LYS A 23 2.95 13.97 -1.45
C LYS A 23 1.95 13.13 -2.25
N LYS A 24 2.46 12.16 -3.00
CA LYS A 24 1.60 11.31 -3.80
C LYS A 24 0.90 10.27 -2.95
N LEU A 25 1.68 9.52 -2.18
CA LEU A 25 1.15 8.48 -1.32
C LEU A 25 0.00 8.98 -0.53
N GLY A 26 0.15 10.19 -0.09
CA GLY A 26 -0.86 10.79 0.72
C GLY A 26 -2.09 11.15 -0.10
N SER A 27 -1.88 11.39 -1.40
CA SER A 27 -2.96 11.75 -2.30
C SER A 27 -3.53 10.54 -3.01
N ILE A 28 -2.67 9.61 -3.41
CA ILE A 28 -3.12 8.43 -4.10
C ILE A 28 -3.45 7.33 -3.10
N GLY A 29 -2.63 7.26 -2.05
CA GLY A 29 -2.81 6.25 -1.03
C GLY A 29 -4.15 6.41 -0.34
N SER A 30 -4.66 7.63 -0.34
CA SER A 30 -5.93 7.90 0.30
C SER A 30 -7.06 7.18 -0.41
N ASP A 31 -7.03 7.20 -1.74
CA ASP A 31 -8.06 6.54 -2.52
C ASP A 31 -7.83 5.04 -2.51
N LEU A 32 -6.57 4.66 -2.63
CA LEU A 32 -6.21 3.26 -2.64
C LEU A 32 -6.44 2.63 -1.27
N GLY A 33 -6.00 3.31 -0.25
CA GLY A 33 -6.17 2.78 1.08
C GLY A 33 -7.65 2.63 1.39
N ALA A 34 -8.41 3.66 1.05
CA ALA A 34 -9.84 3.64 1.29
C ALA A 34 -10.54 2.65 0.38
N SER A 35 -10.12 2.58 -0.86
CA SER A 35 -10.74 1.68 -1.82
C SER A 35 -10.54 0.23 -1.42
N ILE A 36 -9.34 -0.08 -0.97
CA ILE A 36 -9.01 -1.43 -0.55
C ILE A 36 -9.75 -1.79 0.72
N LYS A 37 -9.84 -0.85 1.63
CA LYS A 37 -10.49 -1.15 2.87
C LYS A 37 -11.91 -1.59 2.56
N GLY A 38 -12.51 -0.89 1.61
CA GLY A 38 -13.86 -1.21 1.21
C GLY A 38 -13.91 -2.54 0.48
N PHE A 39 -12.86 -2.79 -0.31
CA PHE A 39 -12.78 -4.02 -1.08
C PHE A 39 -12.50 -5.18 -0.15
N LYS A 40 -11.51 -5.00 0.70
CA LYS A 40 -11.16 -6.03 1.66
C LYS A 40 -12.31 -6.26 2.62
N LYS A 41 -12.97 -5.18 3.01
CA LYS A 41 -14.07 -5.33 3.94
C LYS A 41 -15.16 -6.19 3.34
N ALA A 42 -15.37 -6.05 2.04
CA ALA A 42 -16.37 -6.84 1.35
C ALA A 42 -15.97 -8.31 1.35
N MET A 43 -14.68 -8.57 1.22
CA MET A 43 -14.16 -9.93 1.20
C MET A 43 -13.76 -10.38 2.61
N SER A 44 -13.74 -9.42 3.53
CA SER A 44 -13.37 -9.74 4.90
C SER A 44 -14.35 -10.72 5.52
N ASP A 45 -13.88 -11.55 6.43
CA ASP A 45 -14.74 -12.54 7.08
C ASP A 45 -15.41 -13.43 6.03
N ASP A 46 -14.63 -13.88 5.06
CA ASP A 46 -15.17 -14.74 4.01
C ASP A 46 -15.41 -16.15 4.53
N GLU A 47 -16.03 -16.24 5.70
CA GLU A 47 -16.32 -17.53 6.30
C GLU A 47 -15.06 -18.39 6.37
N PRO A 48 -14.16 -18.04 7.23
CA PRO A 48 -12.88 -18.79 7.41
C PRO A 48 -13.06 -20.06 8.24
N MET A 1 14.84 -14.03 -7.22
CA MET A 1 14.19 -12.83 -6.61
C MET A 1 12.82 -13.22 -6.05
N GLY A 2 12.72 -14.42 -5.47
CA GLY A 2 11.45 -14.88 -4.90
C GLY A 2 11.52 -14.97 -3.38
N GLY A 3 12.43 -14.19 -2.81
CA GLY A 3 12.62 -14.15 -1.36
C GLY A 3 12.65 -12.70 -0.90
N ILE A 4 12.08 -11.84 -1.75
CA ILE A 4 12.01 -10.40 -1.45
C ILE A 4 10.59 -10.04 -1.00
N SER A 5 9.72 -9.85 -2.00
CA SER A 5 8.31 -9.52 -1.79
C SER A 5 8.13 -8.12 -1.20
N ILE A 6 8.32 -8.03 0.11
CA ILE A 6 8.15 -6.78 0.83
C ILE A 6 9.49 -6.07 0.93
N TRP A 7 10.56 -6.84 0.99
CA TRP A 7 11.88 -6.27 1.09
C TRP A 7 12.16 -5.43 -0.14
N GLN A 8 11.76 -5.91 -1.30
CA GLN A 8 12.02 -5.13 -2.50
C GLN A 8 11.23 -3.85 -2.40
N LEU A 9 10.02 -3.98 -1.88
CA LEU A 9 9.15 -2.83 -1.69
C LEU A 9 9.65 -1.89 -0.63
N LEU A 10 10.20 -2.44 0.43
CA LEU A 10 10.63 -1.62 1.54
C LEU A 10 11.74 -0.66 1.13
N ILE A 11 12.77 -1.18 0.47
CA ILE A 11 13.84 -0.32 0.02
C ILE A 11 13.32 0.61 -1.05
N ILE A 12 12.55 0.05 -1.97
CA ILE A 12 11.99 0.83 -3.06
C ILE A 12 11.01 1.89 -2.54
N ALA A 13 10.15 1.47 -1.62
CA ALA A 13 9.16 2.38 -1.05
C ALA A 13 9.84 3.49 -0.25
N VAL A 14 10.92 3.17 0.43
CA VAL A 14 11.60 4.19 1.23
C VAL A 14 12.22 5.26 0.37
N ILE A 15 12.89 4.88 -0.71
CA ILE A 15 13.51 5.85 -1.60
C ILE A 15 12.45 6.68 -2.30
N VAL A 16 11.40 6.03 -2.74
CA VAL A 16 10.32 6.70 -3.45
C VAL A 16 9.67 7.68 -2.53
N VAL A 17 9.52 7.33 -1.28
CA VAL A 17 8.86 8.23 -0.40
C VAL A 17 9.67 9.51 -0.19
N LEU A 18 10.97 9.41 -0.01
CA LEU A 18 11.75 10.61 0.21
C LEU A 18 11.68 11.55 -0.99
N LEU A 19 11.87 11.00 -2.18
CA LEU A 19 11.86 11.78 -3.41
C LEU A 19 10.47 12.34 -3.72
N PHE A 20 9.42 11.58 -3.46
CA PHE A 20 8.09 12.08 -3.79
C PHE A 20 7.79 13.26 -2.88
N GLY A 21 8.26 13.17 -1.65
CA GLY A 21 8.06 14.24 -0.68
C GLY A 21 6.91 13.90 0.21
N THR A 22 6.45 12.67 0.05
CA THR A 22 5.36 12.17 0.88
C THR A 22 4.11 13.01 0.77
N LYS A 23 3.95 13.68 -0.38
CA LYS A 23 2.78 14.54 -0.59
C LYS A 23 1.71 13.83 -1.43
N LYS A 24 2.12 12.80 -2.17
CA LYS A 24 1.19 12.06 -3.02
C LYS A 24 0.56 10.91 -2.24
N LEU A 25 1.40 10.06 -1.71
CA LEU A 25 0.96 8.91 -0.92
C LEU A 25 -0.09 9.32 0.05
N GLY A 26 0.13 10.47 0.61
CA GLY A 26 -0.75 10.99 1.60
C GLY A 26 -2.05 11.47 0.97
N SER A 27 -1.96 11.82 -0.31
CA SER A 27 -3.13 12.31 -1.06
C SER A 27 -3.80 11.21 -1.87
N ILE A 28 -3.01 10.30 -2.42
CA ILE A 28 -3.57 9.23 -3.22
C ILE A 28 -3.83 8.02 -2.33
N GLY A 29 -2.93 7.81 -1.39
CA GLY A 29 -3.04 6.69 -0.47
C GLY A 29 -4.34 6.78 0.33
N SER A 30 -4.82 8.01 0.52
CA SER A 30 -6.04 8.23 1.29
C SER A 30 -7.25 7.60 0.60
N ASP A 31 -7.32 7.74 -0.71
CA ASP A 31 -8.43 7.18 -1.45
C ASP A 31 -8.26 5.68 -1.55
N LEU A 32 -7.03 5.27 -1.83
CA LEU A 32 -6.69 3.87 -1.95
C LEU A 32 -6.84 3.15 -0.62
N GLY A 33 -6.37 3.75 0.43
CA GLY A 33 -6.46 3.12 1.72
C GLY A 33 -7.91 2.93 2.10
N ALA A 34 -8.70 3.97 1.89
CA ALA A 34 -10.12 3.92 2.19
C ALA A 34 -10.86 3.03 1.21
N SER A 35 -10.48 3.10 -0.06
CA SER A 35 -11.16 2.31 -1.09
C SER A 35 -10.97 0.82 -0.81
N ILE A 36 -9.77 0.45 -0.44
CA ILE A 36 -9.46 -0.91 -0.12
C ILE A 36 -10.16 -1.32 1.14
N LYS A 37 -10.21 -0.43 2.10
CA LYS A 37 -10.85 -0.76 3.34
C LYS A 37 -12.31 -1.12 3.06
N GLY A 38 -12.94 -0.32 2.21
CA GLY A 38 -14.31 -0.58 1.82
C GLY A 38 -14.39 -1.86 1.01
N PHE A 39 -13.37 -2.10 0.17
CA PHE A 39 -13.34 -3.29 -0.66
C PHE A 39 -13.08 -4.53 0.19
N LYS A 40 -12.05 -4.46 1.00
CA LYS A 40 -11.73 -5.58 1.88
C LYS A 40 -12.84 -5.81 2.87
N LYS A 41 -13.43 -4.73 3.36
CA LYS A 41 -14.50 -4.85 4.32
C LYS A 41 -15.67 -5.59 3.69
N ALA A 42 -15.93 -5.31 2.42
CA ALA A 42 -17.03 -5.95 1.72
C ALA A 42 -16.74 -7.45 1.54
N MET A 43 -15.46 -7.79 1.31
CA MET A 43 -15.08 -9.18 1.13
C MET A 43 -14.70 -9.82 2.47
N SER A 44 -13.62 -9.32 3.05
CA SER A 44 -13.15 -9.83 4.33
C SER A 44 -13.24 -11.36 4.38
N ASP A 45 -13.08 -11.94 5.57
CA ASP A 45 -13.15 -13.40 5.72
C ASP A 45 -14.57 -13.81 6.12
N ASP A 46 -15.27 -14.44 5.18
CA ASP A 46 -16.64 -14.90 5.43
C ASP A 46 -16.66 -16.37 5.79
N GLU A 47 -15.53 -16.86 6.27
CA GLU A 47 -15.41 -18.26 6.66
C GLU A 47 -15.97 -19.16 5.57
N PRO A 48 -15.27 -19.28 4.48
CA PRO A 48 -15.70 -20.14 3.33
C PRO A 48 -15.38 -21.61 3.56
N MET A 1 10.72 -4.00 -9.35
CA MET A 1 11.81 -4.11 -8.33
C MET A 1 11.22 -4.12 -6.94
N GLY A 2 9.93 -4.44 -6.85
CA GLY A 2 9.24 -4.48 -5.56
C GLY A 2 8.66 -5.87 -5.30
N GLY A 3 8.69 -6.71 -6.31
CA GLY A 3 8.16 -8.08 -6.21
C GLY A 3 9.27 -9.04 -5.84
N ILE A 4 10.47 -8.50 -5.73
CA ILE A 4 11.63 -9.31 -5.38
C ILE A 4 11.47 -9.90 -4.00
N SER A 5 11.08 -9.07 -3.05
CA SER A 5 10.89 -9.55 -1.71
C SER A 5 10.33 -8.43 -0.85
N ILE A 6 10.40 -8.64 0.45
CA ILE A 6 9.94 -7.66 1.40
C ILE A 6 11.04 -6.68 1.76
N TRP A 7 12.20 -7.19 2.08
CA TRP A 7 13.30 -6.34 2.45
C TRP A 7 13.67 -5.45 1.28
N GLN A 8 13.61 -5.99 0.08
CA GLN A 8 13.94 -5.23 -1.11
C GLN A 8 12.92 -4.11 -1.25
N LEU A 9 11.68 -4.45 -0.93
CA LEU A 9 10.60 -3.49 -1.00
C LEU A 9 10.73 -2.45 0.13
N LEU A 10 11.16 -2.92 1.30
CA LEU A 10 11.26 -2.08 2.47
C LEU A 10 12.25 -0.95 2.23
N ILE A 11 13.40 -1.29 1.70
CA ILE A 11 14.39 -0.27 1.39
C ILE A 11 13.83 0.62 0.30
N ILE A 12 13.22 0.01 -0.71
CA ILE A 12 12.69 0.77 -1.80
C ILE A 12 11.58 1.70 -1.34
N ALA A 13 10.69 1.18 -0.52
CA ALA A 13 9.57 1.97 -0.03
C ALA A 13 10.05 3.13 0.83
N VAL A 14 11.10 2.91 1.61
CA VAL A 14 11.62 3.96 2.46
C VAL A 14 12.23 5.08 1.63
N ILE A 15 13.00 4.72 0.61
CA ILE A 15 13.61 5.71 -0.27
C ILE A 15 12.55 6.42 -1.04
N VAL A 16 11.61 5.66 -1.53
CA VAL A 16 10.55 6.22 -2.32
C VAL A 16 9.73 7.15 -1.50
N VAL A 17 9.43 6.80 -0.31
CA VAL A 17 8.59 7.65 0.46
C VAL A 17 9.24 8.97 0.77
N LEU A 18 10.48 8.95 1.18
CA LEU A 18 11.17 10.20 1.47
C LEU A 18 11.48 10.93 0.18
N LEU A 19 11.95 10.18 -0.80
CA LEU A 19 12.29 10.73 -2.09
C LEU A 19 11.06 11.31 -2.78
N PHE A 20 9.94 10.60 -2.69
CA PHE A 20 8.73 11.13 -3.32
C PHE A 20 8.29 12.36 -2.56
N GLY A 21 8.39 12.29 -1.25
CA GLY A 21 8.01 13.42 -0.39
C GLY A 21 6.69 13.14 0.30
N THR A 22 6.25 11.91 0.23
CA THR A 22 5.02 11.49 0.88
C THR A 22 3.84 12.29 0.42
N LYS A 23 3.76 12.49 -0.89
CA LYS A 23 2.68 13.26 -1.47
C LYS A 23 1.98 12.49 -2.58
N LYS A 24 2.65 11.48 -3.11
CA LYS A 24 2.09 10.67 -4.17
C LYS A 24 1.23 9.54 -3.58
N LEU A 25 1.81 8.85 -2.62
CA LEU A 25 1.15 7.72 -1.96
C LEU A 25 -0.11 8.18 -1.26
N GLY A 26 -0.03 9.35 -0.69
CA GLY A 26 -1.15 9.86 0.06
C GLY A 26 -2.28 10.25 -0.88
N SER A 27 -1.92 10.56 -2.12
CA SER A 27 -2.92 10.95 -3.11
C SER A 27 -3.53 9.73 -3.77
N ILE A 28 -2.71 8.76 -4.11
CA ILE A 28 -3.22 7.56 -4.76
C ILE A 28 -3.51 6.48 -3.74
N GLY A 29 -2.67 6.44 -2.71
CA GLY A 29 -2.81 5.45 -1.64
C GLY A 29 -4.14 5.64 -0.93
N SER A 30 -4.69 6.85 -1.01
CA SER A 30 -5.95 7.15 -0.36
C SER A 30 -7.09 6.33 -0.94
N ASP A 31 -7.12 6.23 -2.26
CA ASP A 31 -8.16 5.48 -2.92
C ASP A 31 -7.88 3.99 -2.79
N LEU A 32 -6.62 3.63 -2.93
CA LEU A 32 -6.21 2.25 -2.81
C LEU A 32 -6.35 1.74 -1.39
N GLY A 33 -5.93 2.53 -0.44
CA GLY A 33 -6.01 2.11 0.93
C GLY A 33 -7.46 1.91 1.32
N ALA A 34 -8.30 2.86 0.93
CA ALA A 34 -9.72 2.78 1.22
C ALA A 34 -10.40 1.69 0.41
N SER A 35 -10.00 1.57 -0.86
CA SER A 35 -10.62 0.57 -1.72
C SER A 35 -10.34 -0.83 -1.21
N ILE A 36 -9.14 -1.06 -0.78
CA ILE A 36 -8.75 -2.34 -0.24
C ILE A 36 -9.45 -2.58 1.08
N LYS A 37 -9.56 -1.55 1.88
CA LYS A 37 -10.20 -1.72 3.16
C LYS A 37 -11.62 -2.21 2.92
N GLY A 38 -12.29 -1.59 1.97
CA GLY A 38 -13.65 -2.01 1.64
C GLY A 38 -13.63 -3.43 1.06
N PHE A 39 -12.59 -3.73 0.28
CA PHE A 39 -12.48 -5.05 -0.34
C PHE A 39 -12.15 -6.09 0.70
N LYS A 40 -11.12 -5.83 1.47
CA LYS A 40 -10.73 -6.76 2.50
C LYS A 40 -11.82 -6.92 3.53
N LYS A 41 -12.48 -5.83 3.87
CA LYS A 41 -13.54 -5.92 4.86
C LYS A 41 -14.63 -6.84 4.35
N ALA A 42 -14.92 -6.75 3.07
CA ALA A 42 -15.96 -7.59 2.48
C ALA A 42 -15.52 -9.05 2.50
N MET A 43 -14.23 -9.29 2.29
CA MET A 43 -13.69 -10.65 2.30
C MET A 43 -13.26 -11.05 3.72
N SER A 44 -13.21 -10.07 4.62
CA SER A 44 -12.81 -10.35 5.98
C SER A 44 -13.79 -11.33 6.63
N ASP A 45 -15.08 -11.09 6.40
CA ASP A 45 -16.13 -11.95 6.95
C ASP A 45 -16.44 -13.09 5.99
N ASP A 46 -16.13 -14.31 6.41
CA ASP A 46 -16.38 -15.50 5.59
C ASP A 46 -17.70 -16.14 5.94
N GLU A 47 -18.52 -15.40 6.67
CA GLU A 47 -19.83 -15.90 7.07
C GLU A 47 -20.67 -14.77 7.66
N PRO A 48 -21.19 -13.91 6.83
CA PRO A 48 -22.03 -12.76 7.28
C PRO A 48 -23.15 -13.20 8.23
N MET A 1 12.89 -6.20 -8.69
CA MET A 1 12.43 -5.26 -7.63
C MET A 1 10.93 -5.11 -7.74
N GLY A 2 10.26 -6.23 -8.04
CA GLY A 2 8.81 -6.21 -8.17
C GLY A 2 8.18 -7.47 -7.64
N GLY A 3 7.90 -7.46 -6.34
CA GLY A 3 7.28 -8.60 -5.68
C GLY A 3 8.34 -9.58 -5.20
N ILE A 4 9.52 -9.04 -4.93
CA ILE A 4 10.64 -9.87 -4.48
C ILE A 4 10.33 -10.49 -3.13
N SER A 5 9.85 -9.67 -2.22
CA SER A 5 9.49 -10.15 -0.91
C SER A 5 9.03 -9.00 -0.05
N ILE A 6 8.64 -9.36 1.14
CA ILE A 6 8.18 -8.41 2.11
C ILE A 6 9.33 -7.55 2.61
N TRP A 7 10.41 -8.20 2.96
CA TRP A 7 11.55 -7.49 3.46
C TRP A 7 12.12 -6.61 2.35
N GLN A 8 12.13 -7.12 1.12
CA GLN A 8 12.64 -6.38 -0.01
C GLN A 8 11.76 -5.16 -0.30
N LEU A 9 10.46 -5.36 -0.21
CA LEU A 9 9.50 -4.29 -0.44
C LEU A 9 9.70 -3.20 0.61
N LEU A 10 10.00 -3.62 1.82
CA LEU A 10 10.14 -2.68 2.94
C LEU A 10 11.28 -1.72 2.65
N ILE A 11 12.37 -2.22 2.15
CA ILE A 11 13.48 -1.35 1.80
C ILE A 11 13.06 -0.42 0.68
N ILE A 12 12.38 -1.00 -0.31
CA ILE A 12 11.93 -0.25 -1.46
C ILE A 12 10.91 0.81 -1.07
N ALA A 13 9.98 0.43 -0.22
CA ALA A 13 8.95 1.34 0.23
C ALA A 13 9.54 2.48 1.06
N VAL A 14 10.55 2.18 1.87
CA VAL A 14 11.17 3.19 2.71
C VAL A 14 11.89 4.23 1.89
N ILE A 15 12.65 3.80 0.90
CA ILE A 15 13.36 4.71 0.05
C ILE A 15 12.38 5.49 -0.77
N VAL A 16 11.38 4.80 -1.27
CA VAL A 16 10.40 5.44 -2.08
C VAL A 16 9.65 6.44 -1.28
N VAL A 17 9.32 6.14 -0.08
CA VAL A 17 8.55 7.09 0.65
C VAL A 17 9.33 8.36 0.95
N LEU A 18 10.51 8.25 1.49
CA LEU A 18 11.27 9.45 1.78
C LEU A 18 11.68 10.20 0.52
N LEU A 19 12.15 9.47 -0.48
CA LEU A 19 12.57 10.06 -1.73
C LEU A 19 11.38 10.68 -2.49
N PHE A 20 10.21 10.03 -2.44
CA PHE A 20 9.07 10.59 -3.16
C PHE A 20 8.65 11.88 -2.47
N GLY A 21 8.61 11.83 -1.16
CA GLY A 21 8.26 12.99 -0.36
C GLY A 21 6.93 12.79 0.32
N THR A 22 6.47 11.57 0.26
CA THR A 22 5.21 11.21 0.91
C THR A 22 4.05 12.04 0.43
N LYS A 23 4.08 12.39 -0.84
CA LYS A 23 3.03 13.21 -1.43
C LYS A 23 2.27 12.46 -2.51
N LYS A 24 2.88 11.42 -3.06
CA LYS A 24 2.28 10.63 -4.10
C LYS A 24 1.34 9.58 -3.50
N LEU A 25 1.86 8.81 -2.56
CA LEU A 25 1.12 7.75 -1.90
C LEU A 25 -0.10 8.29 -1.21
N GLY A 26 0.05 9.46 -0.66
CA GLY A 26 -1.02 10.05 0.07
C GLY A 26 -2.11 10.52 -0.88
N SER A 27 -1.71 10.77 -2.12
CA SER A 27 -2.65 11.21 -3.14
C SER A 27 -3.32 10.05 -3.83
N ILE A 28 -2.56 9.01 -4.14
CA ILE A 28 -3.12 7.85 -4.82
C ILE A 28 -3.52 6.81 -3.79
N GLY A 29 -2.72 6.70 -2.75
CA GLY A 29 -2.98 5.73 -1.69
C GLY A 29 -4.32 6.01 -1.03
N SER A 30 -4.76 7.27 -1.11
CA SER A 30 -6.03 7.66 -0.49
C SER A 30 -7.21 6.96 -1.15
N ASP A 31 -7.17 6.87 -2.47
CA ASP A 31 -8.23 6.21 -3.19
C ASP A 31 -8.17 4.72 -2.94
N LEU A 32 -6.95 4.20 -2.98
CA LEU A 32 -6.72 2.79 -2.75
C LEU A 32 -7.08 2.40 -1.33
N GLY A 33 -6.66 3.20 -0.38
CA GLY A 33 -6.95 2.88 0.99
C GLY A 33 -8.44 2.89 1.23
N ALA A 34 -9.09 3.90 0.69
CA ALA A 34 -10.54 4.02 0.82
C ALA A 34 -11.26 2.98 -0.02
N SER A 35 -10.76 2.74 -1.22
CA SER A 35 -11.40 1.79 -2.12
C SER A 35 -11.38 0.38 -1.54
N ILE A 36 -10.26 0.03 -0.95
CA ILE A 36 -10.09 -1.29 -0.36
C ILE A 36 -10.94 -1.43 0.87
N LYS A 37 -11.02 -0.38 1.66
CA LYS A 37 -11.81 -0.46 2.85
C LYS A 37 -13.25 -0.74 2.42
N GLY A 38 -13.68 -0.03 1.38
CA GLY A 38 -15.02 -0.22 0.84
C GLY A 38 -15.17 -1.61 0.24
N PHE A 39 -14.10 -2.10 -0.39
CA PHE A 39 -14.15 -3.42 -0.99
C PHE A 39 -14.16 -4.49 0.08
N LYS A 40 -13.21 -4.40 0.99
CA LYS A 40 -13.14 -5.35 2.09
C LYS A 40 -14.38 -5.25 2.95
N LYS A 41 -14.86 -4.04 3.16
CA LYS A 41 -16.04 -3.87 3.98
C LYS A 41 -17.21 -4.62 3.35
N ALA A 42 -17.26 -4.62 2.03
CA ALA A 42 -18.35 -5.28 1.32
C ALA A 42 -18.30 -6.81 1.54
N MET A 43 -17.09 -7.37 1.62
CA MET A 43 -16.93 -8.83 1.83
C MET A 43 -16.14 -9.11 3.09
N SER A 44 -14.94 -8.54 3.16
CA SER A 44 -14.06 -8.74 4.30
C SER A 44 -13.67 -10.20 4.42
N ASP A 45 -12.38 -10.43 4.65
CA ASP A 45 -11.85 -11.79 4.79
C ASP A 45 -11.96 -12.26 6.24
N ASP A 46 -12.31 -13.52 6.43
CA ASP A 46 -12.44 -14.10 7.77
C ASP A 46 -11.13 -14.70 8.21
N GLU A 47 -10.08 -14.39 7.47
CA GLU A 47 -8.76 -14.90 7.78
C GLU A 47 -8.81 -16.41 8.01
N PRO A 48 -8.94 -17.17 6.95
CA PRO A 48 -9.01 -18.66 7.05
C PRO A 48 -7.87 -19.24 7.87
N MET A 1 18.17 -11.82 -4.49
CA MET A 1 16.82 -11.35 -4.94
C MET A 1 16.01 -12.55 -5.43
N GLY A 2 16.47 -13.75 -5.14
CA GLY A 2 15.76 -14.94 -5.58
C GLY A 2 14.49 -15.15 -4.77
N GLY A 3 13.98 -14.06 -4.18
CA GLY A 3 12.77 -14.12 -3.37
C GLY A 3 12.01 -12.80 -3.44
N ILE A 4 12.21 -12.08 -4.54
CA ILE A 4 11.55 -10.79 -4.73
C ILE A 4 10.09 -10.85 -4.27
N SER A 5 9.80 -10.12 -3.20
CA SER A 5 8.44 -10.10 -2.64
C SER A 5 8.17 -8.81 -1.88
N ILE A 6 8.68 -8.75 -0.64
CA ILE A 6 8.53 -7.61 0.25
C ILE A 6 9.84 -6.86 0.41
N TRP A 7 10.97 -7.58 0.31
CA TRP A 7 12.27 -6.97 0.48
C TRP A 7 12.49 -5.90 -0.59
N GLN A 8 12.16 -6.21 -1.83
CA GLN A 8 12.32 -5.22 -2.88
C GLN A 8 11.40 -4.04 -2.63
N LEU A 9 10.20 -4.34 -2.15
CA LEU A 9 9.22 -3.33 -1.84
C LEU A 9 9.69 -2.43 -0.73
N LEU A 10 10.34 -3.02 0.24
CA LEU A 10 10.76 -2.27 1.40
C LEU A 10 11.77 -1.19 0.99
N ILE A 11 12.77 -1.55 0.23
CA ILE A 11 13.72 -0.56 -0.22
C ILE A 11 13.05 0.41 -1.16
N ILE A 12 12.27 -0.13 -2.08
CA ILE A 12 11.60 0.71 -3.03
C ILE A 12 10.57 1.59 -2.33
N ALA A 13 9.76 1.01 -1.46
CA ALA A 13 8.74 1.77 -0.74
C ALA A 13 9.35 2.79 0.22
N VAL A 14 10.45 2.43 0.87
CA VAL A 14 11.06 3.35 1.83
C VAL A 14 11.64 4.55 1.12
N ILE A 15 12.33 4.32 0.03
CA ILE A 15 12.93 5.39 -0.74
C ILE A 15 11.87 6.25 -1.34
N VAL A 16 10.88 5.60 -1.88
CA VAL A 16 9.82 6.30 -2.51
C VAL A 16 9.09 7.13 -1.51
N VAL A 17 8.86 6.60 -0.36
CA VAL A 17 8.10 7.36 0.57
C VAL A 17 8.84 8.60 1.04
N LEU A 18 10.09 8.48 1.36
CA LEU A 18 10.85 9.65 1.77
C LEU A 18 11.10 10.55 0.58
N LEU A 19 11.46 9.94 -0.53
CA LEU A 19 11.75 10.65 -1.76
C LEU A 19 10.51 11.36 -2.28
N PHE A 20 9.36 10.71 -2.23
CA PHE A 20 8.14 11.38 -2.70
C PHE A 20 7.80 12.50 -1.75
N GLY A 21 8.01 12.23 -0.48
CA GLY A 21 7.76 13.23 0.56
C GLY A 21 6.49 12.92 1.32
N THR A 22 5.96 11.73 1.07
CA THR A 22 4.75 11.26 1.74
C THR A 22 3.59 12.18 1.48
N LYS A 23 3.46 12.61 0.22
CA LYS A 23 2.38 13.49 -0.18
C LYS A 23 1.57 12.92 -1.33
N LYS A 24 2.16 11.97 -2.05
CA LYS A 24 1.50 11.33 -3.17
C LYS A 24 0.63 10.18 -2.69
N LEU A 25 1.21 9.32 -1.88
CA LEU A 25 0.53 8.13 -1.35
C LEU A 25 -0.65 8.54 -0.51
N GLY A 26 -0.49 9.62 0.22
CA GLY A 26 -1.53 10.06 1.09
C GLY A 26 -2.67 10.64 0.29
N SER A 27 -2.35 11.09 -0.91
CA SER A 27 -3.37 11.65 -1.78
C SER A 27 -4.09 10.58 -2.58
N ILE A 28 -3.34 9.61 -3.09
CA ILE A 28 -3.95 8.55 -3.87
C ILE A 28 -4.25 7.35 -2.98
N GLY A 29 -3.36 7.11 -2.04
CA GLY A 29 -3.50 5.98 -1.13
C GLY A 29 -4.75 6.16 -0.27
N SER A 30 -5.16 7.41 -0.09
CA SER A 30 -6.35 7.71 0.71
C SER A 30 -7.60 7.13 0.10
N ASP A 31 -7.73 7.26 -1.22
CA ASP A 31 -8.90 6.73 -1.90
C ASP A 31 -8.83 5.22 -1.92
N LEU A 32 -7.64 4.71 -2.19
CA LEU A 32 -7.43 3.27 -2.24
C LEU A 32 -7.60 2.65 -0.87
N GLY A 33 -7.04 3.27 0.13
CA GLY A 33 -7.16 2.72 1.46
C GLY A 33 -8.60 2.70 1.88
N ALA A 34 -9.29 3.80 1.64
CA ALA A 34 -10.70 3.91 1.98
C ALA A 34 -11.56 3.06 1.07
N SER A 35 -11.23 3.03 -0.22
CA SER A 35 -12.02 2.26 -1.17
C SER A 35 -11.98 0.79 -0.85
N ILE A 36 -10.80 0.33 -0.49
CA ILE A 36 -10.63 -1.06 -0.13
C ILE A 36 -11.33 -1.34 1.18
N LYS A 37 -11.25 -0.41 2.10
CA LYS A 37 -11.87 -0.63 3.38
C LYS A 37 -13.36 -0.82 3.17
N GLY A 38 -13.93 0.01 2.32
CA GLY A 38 -15.35 -0.10 2.01
C GLY A 38 -15.62 -1.40 1.24
N PHE A 39 -14.67 -1.78 0.37
CA PHE A 39 -14.83 -3.00 -0.41
C PHE A 39 -14.68 -4.22 0.46
N LYS A 40 -13.60 -4.27 1.21
CA LYS A 40 -13.35 -5.39 2.11
C LYS A 40 -14.43 -5.46 3.16
N LYS A 41 -14.87 -4.31 3.64
CA LYS A 41 -15.90 -4.28 4.65
C LYS A 41 -17.17 -4.94 4.13
N ALA A 42 -17.45 -4.72 2.85
CA ALA A 42 -18.65 -5.30 2.26
C ALA A 42 -18.54 -6.82 2.21
N MET A 43 -17.34 -7.33 1.97
CA MET A 43 -17.13 -8.78 1.91
C MET A 43 -16.60 -9.29 3.25
N SER A 44 -15.37 -8.90 3.58
CA SER A 44 -14.74 -9.34 4.82
C SER A 44 -14.74 -10.87 4.93
N ASP A 45 -15.30 -11.52 3.91
CA ASP A 45 -15.38 -12.98 3.89
C ASP A 45 -13.98 -13.59 3.84
N ASP A 46 -13.13 -13.01 3.00
CA ASP A 46 -11.76 -13.50 2.86
C ASP A 46 -10.90 -12.95 3.98
N GLU A 47 -11.43 -12.96 5.20
CA GLU A 47 -10.70 -12.45 6.35
C GLU A 47 -9.29 -13.06 6.40
N PRO A 48 -8.30 -12.33 6.87
CA PRO A 48 -6.91 -12.84 6.96
C PRO A 48 -6.87 -14.32 7.38
N MET A 1 9.01 -12.06 -9.32
CA MET A 1 9.15 -12.19 -7.85
C MET A 1 10.33 -13.11 -7.54
N GLY A 2 11.41 -12.94 -8.29
CA GLY A 2 12.60 -13.75 -8.11
C GLY A 2 13.44 -13.27 -6.94
N GLY A 3 12.80 -12.78 -5.88
CA GLY A 3 13.50 -12.29 -4.71
C GLY A 3 12.86 -11.01 -4.19
N ILE A 4 11.92 -10.49 -4.97
CA ILE A 4 11.22 -9.26 -4.59
C ILE A 4 9.85 -9.59 -3.99
N SER A 5 9.66 -9.22 -2.73
CA SER A 5 8.40 -9.45 -2.03
C SER A 5 8.10 -8.30 -1.07
N ILE A 6 8.64 -8.39 0.15
CA ILE A 6 8.42 -7.37 1.17
C ILE A 6 9.72 -6.60 1.47
N TRP A 7 10.86 -7.29 1.39
CA TRP A 7 12.14 -6.66 1.67
C TRP A 7 12.41 -5.56 0.67
N GLN A 8 12.23 -5.85 -0.61
CA GLN A 8 12.46 -4.83 -1.63
C GLN A 8 11.47 -3.70 -1.46
N LEU A 9 10.25 -4.07 -1.11
CA LEU A 9 9.20 -3.09 -0.90
C LEU A 9 9.54 -2.16 0.24
N LEU A 10 10.12 -2.72 1.28
CA LEU A 10 10.47 -1.95 2.46
C LEU A 10 11.51 -0.89 2.13
N ILE A 11 12.60 -1.29 1.49
CA ILE A 11 13.62 -0.35 1.10
C ILE A 11 13.05 0.59 0.06
N ILE A 12 12.34 0.04 -0.90
CA ILE A 12 11.76 0.84 -1.94
C ILE A 12 10.74 1.80 -1.38
N ALA A 13 9.87 1.31 -0.51
CA ALA A 13 8.84 2.14 0.07
C ALA A 13 9.44 3.23 0.94
N VAL A 14 10.49 2.90 1.67
CA VAL A 14 11.14 3.89 2.52
C VAL A 14 11.80 4.96 1.70
N ILE A 15 12.48 4.56 0.64
CA ILE A 15 13.15 5.51 -0.24
C ILE A 15 12.14 6.35 -0.94
N VAL A 16 11.10 5.71 -1.41
CA VAL A 16 10.07 6.41 -2.12
C VAL A 16 9.40 7.40 -1.24
N VAL A 17 9.13 7.02 -0.03
CA VAL A 17 8.43 7.93 0.81
C VAL A 17 9.24 9.17 1.12
N LEU A 18 10.47 9.01 1.46
CA LEU A 18 11.29 10.17 1.75
C LEU A 18 11.61 10.91 0.46
N LEU A 19 11.94 10.15 -0.56
CA LEU A 19 12.28 10.70 -1.85
C LEU A 19 11.07 11.41 -2.45
N PHE A 20 9.89 10.82 -2.33
CA PHE A 20 8.71 11.47 -2.87
C PHE A 20 8.42 12.72 -2.05
N GLY A 21 8.66 12.62 -0.77
CA GLY A 21 8.42 13.75 0.14
C GLY A 21 7.07 13.61 0.81
N THR A 22 6.51 12.42 0.67
CA THR A 22 5.23 12.10 1.28
C THR A 22 4.15 13.07 0.88
N LYS A 23 3.74 13.00 -0.38
CA LYS A 23 2.70 13.87 -0.88
C LYS A 23 1.77 13.12 -1.82
N LYS A 24 2.28 12.06 -2.43
CA LYS A 24 1.48 11.26 -3.35
C LYS A 24 0.69 10.21 -2.59
N LEU A 25 1.40 9.43 -1.79
CA LEU A 25 0.78 8.36 -1.02
C LEU A 25 -0.38 8.88 -0.22
N GLY A 26 -0.20 10.08 0.28
CA GLY A 26 -1.22 10.68 1.11
C GLY A 26 -2.39 11.13 0.25
N SER A 27 -2.13 11.40 -1.03
CA SER A 27 -3.15 11.84 -1.95
C SER A 27 -3.79 10.69 -2.71
N ILE A 28 -2.97 9.72 -3.12
CA ILE A 28 -3.48 8.60 -3.87
C ILE A 28 -3.81 7.44 -2.94
N GLY A 29 -2.99 7.32 -1.90
CA GLY A 29 -3.18 6.25 -0.92
C GLY A 29 -4.49 6.44 -0.17
N SER A 30 -4.95 7.68 -0.09
CA SER A 30 -6.19 7.99 0.61
C SER A 30 -7.39 7.35 -0.07
N ASP A 31 -7.43 7.43 -1.39
CA ASP A 31 -8.52 6.85 -2.15
C ASP A 31 -8.34 5.35 -2.21
N LEU A 32 -7.10 4.93 -2.42
CA LEU A 32 -6.80 3.52 -2.52
C LEU A 32 -6.97 2.82 -1.18
N GLY A 33 -6.45 3.43 -0.13
CA GLY A 33 -6.56 2.81 1.17
C GLY A 33 -8.00 2.69 1.57
N ALA A 34 -8.76 3.75 1.32
CA ALA A 34 -10.18 3.74 1.63
C ALA A 34 -10.93 2.83 0.68
N SER A 35 -10.57 2.87 -0.59
CA SER A 35 -11.25 2.06 -1.59
C SER A 35 -11.03 0.58 -1.30
N ILE A 36 -9.82 0.23 -0.91
CA ILE A 36 -9.47 -1.15 -0.62
C ILE A 36 -10.18 -1.62 0.62
N LYS A 37 -10.23 -0.77 1.61
CA LYS A 37 -10.88 -1.17 2.84
C LYS A 37 -12.34 -1.50 2.49
N GLY A 38 -12.94 -0.65 1.67
CA GLY A 38 -14.31 -0.86 1.25
C GLY A 38 -14.41 -2.05 0.31
N PHE A 39 -13.39 -2.22 -0.53
CA PHE A 39 -13.40 -3.33 -1.48
C PHE A 39 -13.18 -4.65 -0.78
N LYS A 40 -12.17 -4.70 0.06
CA LYS A 40 -11.89 -5.91 0.81
C LYS A 40 -12.99 -6.19 1.81
N LYS A 41 -13.49 -5.13 2.43
CA LYS A 41 -14.55 -5.32 3.38
C LYS A 41 -15.78 -5.91 2.70
N ALA A 42 -16.00 -5.50 1.47
CA ALA A 42 -17.14 -6.00 0.71
C ALA A 42 -16.94 -7.48 0.36
N MET A 43 -15.69 -7.84 0.09
CA MET A 43 -15.34 -9.21 -0.27
C MET A 43 -15.04 -10.03 0.97
N SER A 44 -14.73 -9.35 2.06
CA SER A 44 -14.41 -10.03 3.31
C SER A 44 -15.50 -11.06 3.63
N ASP A 45 -15.08 -12.26 4.04
CA ASP A 45 -16.03 -13.31 4.36
C ASP A 45 -15.34 -14.45 5.08
N ASP A 46 -15.92 -14.91 6.18
CA ASP A 46 -15.35 -16.01 6.95
C ASP A 46 -13.89 -15.71 7.26
N GLU A 47 -13.57 -14.44 7.44
CA GLU A 47 -12.20 -14.03 7.74
C GLU A 47 -11.78 -14.52 9.13
N PRO A 48 -10.51 -14.77 9.35
CA PRO A 48 -9.99 -15.23 10.67
C PRO A 48 -10.73 -14.56 11.83
#